data_9GKE
#
_entry.id   9GKE
#
_cell.length_a   112.789
_cell.length_b   140.420
_cell.length_c   57.695
_cell.angle_alpha   90.00
_cell.angle_beta   90.00
_cell.angle_gamma   90.00
#
_symmetry.space_group_name_H-M   'P 21 21 2'
#
loop_
_entity.id
_entity.type
_entity.pdbx_description
1 polymer 'Endoplasmic reticulum aminopeptidase 1'
2 non-polymer 'ZINC ION'
3 non-polymer 'PHOSPHATE ION'
4 non-polymer 1,2-ETHANEDIOL
5 non-polymer '1-[2-(2-oxidanylidene-5-phenyl-1,3-benzothiazol-3-yl)ethanoylamino]cyclohexane-1-carboxylic acid'
6 water water
#
_entity_poly.entity_id   1
_entity_poly.type   'polypeptide(L)'
_entity_poly.pdbx_seq_one_letter_code
;MVFLPLKWSLATMSFLLSSLLALLTVSTPSWCQSTEASPKRSDGTPFPWNKIRLPEYVIPVHYDLLIHAQLTTLTFWGTT
KVEITASQPTSTIILHSHHLQISRATLRKGAGERLSEEPLQVLEHPRQEQIALLAPEPLLVGLPYTVVIHYAGQLSETFH
GFYKSTYRTKEGELRILASTQFEPTAARMAFPCFDEPAFKASFSIKIRREPRHLAISNMPLVKSVTVAEGLIEDHFDVTV
KMSTYLVAFIISDFESVSKITKSGVKVSVYAVPDKINQADYALDAAVTLLEFYEDYFSIPYPLPKQDLAAIPDFQSGAME
NWGLTTYRESALLFDAEKSSASSKLGITMTVAHELAHQWFGNLVTMEWWNDLWLNEGFAKFMEFVSVSVTHPELKVGDYF
FGKCFDAMEVDALQSSHPVSTPVENPAQIREMFDDVSYDKGACILNMLREYLSADAFKSGIVQYLQKHSYKNTKNEDLWD
SMASIGSGGVDVKTMMNTWTLQRGFPLITITVRGRNVHMKQEHYMKGSDGAPDTGYLWHVPLTFITSKSDMVHRFLLKTK
TDVLILPEEVEWIKFNVGMNGYYIVHYEDDGWDSLTGLLKGTHTAVSSNDRASLINNAFQLVSIGKLSIEKALDLSLYLK
HETEIMPVFQGLNELIPMYKLMEKRDMNEVETQFKAFLIRLLRDLIDKQTWTDEGSVSERMLRSQLLLLACVHNYQPCVQ
RAEGYFRKWKESNGQLSLPVDVTLAVFAVGAQSTEGWDFLYSKYQFSLSSTEKSQIEFALCRTQNKEKLQWLLDESFKGD
KIKTQEFPQILTLIGRNPVGYPLAWQFLRKNWNKLVQKFELGSSSIAHMVMGTTNQFSTRTRLEEVKGFFSSLKENGSQL
RCVQQTIETIEENIGWMDKNFDKIRVWLQSEKLERMENLYFQ
;
_entity_poly.pdbx_strand_id   A
#
loop_
_chem_comp.id
_chem_comp.type
_chem_comp.name
_chem_comp.formula
A1IML non-polymer '1-[2-(2-oxidanylidene-5-phenyl-1,3-benzothiazol-3-yl)ethanoylamino]cyclohexane-1-carboxylic acid' 'C22 H22 N2 O4 S'
EDO non-polymer 1,2-ETHANEDIOL 'C2 H6 O2'
PO4 non-polymer 'PHOSPHATE ION' 'O4 P -3'
ZN non-polymer 'ZINC ION' 'Zn 2'
#
# COMPACT_ATOMS: atom_id res chain seq x y z
N THR A 45 1.27 42.90 -9.41
CA THR A 45 -0.14 42.52 -9.42
C THR A 45 -0.39 41.30 -8.50
N PRO A 46 -1.25 41.50 -7.48
CA PRO A 46 -1.52 40.40 -6.53
C PRO A 46 -2.28 39.24 -7.15
N PHE A 47 -2.07 38.02 -6.63
CA PHE A 47 -2.72 36.83 -7.18
C PHE A 47 -4.22 36.88 -6.89
N PRO A 48 -5.07 36.75 -7.93
CA PRO A 48 -6.52 36.91 -7.71
C PRO A 48 -7.29 35.72 -7.16
N TRP A 49 -6.64 34.82 -6.42
CA TRP A 49 -7.32 33.67 -5.81
C TRP A 49 -6.58 33.29 -4.55
N ASN A 50 -7.30 33.17 -3.41
CA ASN A 50 -6.64 32.89 -2.14
C ASN A 50 -7.03 31.56 -1.49
N LYS A 51 -7.54 30.61 -2.28
CA LYS A 51 -7.91 29.31 -1.72
C LYS A 51 -7.09 28.18 -2.33
N ILE A 52 -6.82 27.13 -1.54
CA ILE A 52 -6.10 25.95 -2.06
C ILE A 52 -6.98 25.25 -3.10
N ARG A 53 -8.29 25.14 -2.83
CA ARG A 53 -9.21 24.54 -3.80
C ARG A 53 -9.48 25.52 -4.94
N LEU A 54 -9.61 25.01 -6.16
CA LEU A 54 -9.86 25.87 -7.32
C LEU A 54 -11.30 26.42 -7.29
N PRO A 55 -11.54 27.52 -8.04
CA PRO A 55 -12.93 28.00 -8.18
C PRO A 55 -13.82 26.91 -8.79
N GLU A 56 -15.10 26.91 -8.41
CA GLU A 56 -16.01 25.87 -8.90
C GLU A 56 -16.70 26.26 -10.22
N TYR A 57 -16.58 27.53 -10.68
CA TYR A 57 -17.35 28.03 -11.81
C TYR A 57 -16.67 27.95 -13.18
N VAL A 58 -15.43 27.43 -13.28
CA VAL A 58 -14.81 27.25 -14.58
C VAL A 58 -14.55 25.74 -14.64
N ILE A 59 -15.15 25.06 -15.62
CA ILE A 59 -15.12 23.61 -15.74
C ILE A 59 -14.49 23.14 -17.04
N PRO A 60 -13.51 22.22 -16.98
CA PRO A 60 -12.98 21.64 -18.23
C PRO A 60 -13.87 20.52 -18.75
N VAL A 61 -13.85 20.29 -20.07
CA VAL A 61 -14.56 19.19 -20.71
C VAL A 61 -13.57 18.27 -21.46
N HIS A 62 -12.50 18.84 -22.02
CA HIS A 62 -11.58 18.05 -22.84
C HIS A 62 -10.21 18.69 -22.84
N TYR A 63 -9.18 17.87 -22.82
CA TYR A 63 -7.80 18.33 -22.94
C TYR A 63 -7.14 17.69 -24.13
N ASP A 64 -6.34 18.49 -24.85
CA ASP A 64 -5.49 17.97 -25.91
CA ASP A 64 -5.48 17.99 -25.92
C ASP A 64 -4.09 18.22 -25.34
N LEU A 65 -3.32 17.13 -25.08
CA LEU A 65 -2.00 17.30 -24.47
C LEU A 65 -0.94 16.89 -25.47
N LEU A 66 -0.06 17.82 -25.87
CA LEU A 66 1.04 17.49 -26.77
C LEU A 66 2.31 17.57 -25.92
N ILE A 67 3.05 16.47 -25.81
CA ILE A 67 4.25 16.42 -24.99
C ILE A 67 5.43 16.00 -25.85
N HIS A 68 6.54 16.74 -25.79
CA HIS A 68 7.75 16.33 -26.47
C HIS A 68 8.82 16.16 -25.40
N ALA A 69 9.28 14.92 -25.14
CA ALA A 69 10.36 14.75 -24.17
C ALA A 69 11.64 14.47 -24.90
N GLN A 70 12.70 15.14 -24.49
CA GLN A 70 14.03 14.98 -25.07
C GLN A 70 14.83 14.22 -24.02
N LEU A 71 14.94 12.89 -24.18
CA LEU A 71 15.59 12.03 -23.19
C LEU A 71 17.12 12.23 -23.09
N THR A 72 17.74 12.89 -24.07
CA THR A 72 19.16 13.19 -24.01
C THR A 72 19.47 14.39 -23.12
N THR A 73 18.54 15.34 -22.98
CA THR A 73 18.75 16.52 -22.11
C THR A 73 17.82 16.54 -20.88
N LEU A 74 16.85 15.64 -20.83
CA LEU A 74 15.87 15.55 -19.75
C LEU A 74 14.91 16.78 -19.75
N THR A 75 14.90 17.61 -20.80
CA THR A 75 13.95 18.73 -20.90
C THR A 75 12.72 18.19 -21.63
N PHE A 76 11.54 18.72 -21.29
CA PHE A 76 10.35 18.41 -22.02
C PHE A 76 9.58 19.69 -22.29
N TRP A 77 8.84 19.70 -23.37
CA TRP A 77 8.01 20.84 -23.75
C TRP A 77 6.62 20.33 -23.99
N GLY A 78 5.64 21.18 -23.73
CA GLY A 78 4.27 20.80 -23.99
C GLY A 78 3.40 21.92 -24.50
N THR A 79 2.30 21.53 -25.15
CA THR A 79 1.24 22.46 -25.50
C THR A 79 -0.02 21.78 -24.96
N THR A 80 -0.70 22.44 -24.03
CA THR A 80 -1.95 21.95 -23.47
C THR A 80 -3.09 22.81 -24.00
N LYS A 81 -4.13 22.19 -24.55
CA LYS A 81 -5.31 22.93 -24.98
C LYS A 81 -6.47 22.39 -24.14
N VAL A 82 -7.13 23.23 -23.35
CA VAL A 82 -8.22 22.75 -22.51
C VAL A 82 -9.52 23.48 -22.84
N GLU A 83 -10.51 22.70 -23.24
CA GLU A 83 -11.83 23.24 -23.55
CA GLU A 83 -11.84 23.19 -23.57
C GLU A 83 -12.58 23.42 -22.24
N ILE A 84 -13.06 24.64 -21.98
CA ILE A 84 -13.74 24.97 -20.74
C ILE A 84 -15.04 25.72 -21.00
N THR A 85 -15.87 25.78 -19.96
CA THR A 85 -17.05 26.65 -19.93
C THR A 85 -17.06 27.32 -18.56
N ALA A 86 -17.57 28.55 -18.50
CA ALA A 86 -17.69 29.28 -17.25
C ALA A 86 -19.19 29.46 -16.92
N SER A 87 -19.59 29.18 -15.69
CA SER A 87 -21.00 29.34 -15.29
C SER A 87 -21.32 30.72 -14.70
N GLN A 88 -20.30 31.56 -14.49
CA GLN A 88 -20.48 32.93 -14.03
C GLN A 88 -19.43 33.77 -14.77
N PRO A 89 -19.73 35.04 -15.12
CA PRO A 89 -18.75 35.81 -15.89
C PRO A 89 -17.47 35.98 -15.11
N THR A 90 -16.36 35.74 -15.78
CA THR A 90 -15.03 35.90 -15.21
C THR A 90 -14.06 36.23 -16.34
N SER A 91 -13.09 37.06 -16.04
CA SER A 91 -12.00 37.33 -16.98
C SER A 91 -10.72 36.60 -16.50
N THR A 92 -10.83 35.72 -15.49
CA THR A 92 -9.68 35.07 -14.88
C THR A 92 -9.92 33.58 -14.78
N ILE A 93 -8.93 32.82 -15.22
CA ILE A 93 -8.99 31.35 -15.13
C ILE A 93 -7.90 30.90 -14.18
N ILE A 94 -8.27 30.19 -13.11
CA ILE A 94 -7.29 29.70 -12.15
C ILE A 94 -7.14 28.21 -12.39
N LEU A 95 -5.91 27.76 -12.51
CA LEU A 95 -5.68 26.32 -12.64
C LEU A 95 -4.32 25.94 -12.03
N HIS A 96 -4.03 24.64 -11.95
CA HIS A 96 -2.82 24.19 -11.32
C HIS A 96 -1.64 24.10 -12.27
N SER A 97 -0.45 24.37 -11.75
CA SER A 97 0.80 24.24 -12.48
C SER A 97 1.93 24.25 -11.45
N HIS A 98 2.88 23.32 -11.54
CA HIS A 98 3.95 23.24 -10.56
C HIS A 98 5.26 22.91 -11.27
N HIS A 99 6.27 23.79 -11.14
CA HIS A 99 7.57 23.59 -11.77
C HIS A 99 7.52 23.57 -13.31
N LEU A 100 6.55 24.27 -13.91
CA LEU A 100 6.48 24.38 -15.36
C LEU A 100 6.77 25.84 -15.73
N GLN A 101 7.56 26.06 -16.76
CA GLN A 101 7.89 27.41 -17.21
C GLN A 101 6.96 27.73 -18.34
N ILE A 102 6.00 28.64 -18.12
CA ILE A 102 5.00 28.99 -19.11
C ILE A 102 5.54 30.04 -20.05
N SER A 103 5.57 29.75 -21.34
CA SER A 103 6.08 30.71 -22.32
C SER A 103 4.99 31.55 -22.96
N ARG A 104 3.77 31.04 -23.05
CA ARG A 104 2.67 31.79 -23.69
C ARG A 104 1.36 31.10 -23.36
N ALA A 105 0.31 31.90 -23.17
CA ALA A 105 -1.04 31.39 -22.94
C ALA A 105 -2.00 32.23 -23.79
N THR A 106 -2.98 31.58 -24.43
CA THR A 106 -3.95 32.22 -25.31
CA THR A 106 -3.97 32.26 -25.26
C THR A 106 -5.36 31.67 -25.04
N LEU A 107 -6.40 32.46 -25.28
CA LEU A 107 -7.77 32.02 -25.12
C LEU A 107 -8.43 32.02 -26.49
N ARG A 108 -8.86 30.87 -26.96
CA ARG A 108 -9.56 30.74 -28.23
C ARG A 108 -11.04 30.62 -28.04
N LYS A 109 -11.80 31.15 -28.99
N LYS A 109 -11.81 31.25 -28.93
CA LYS A 109 -13.26 31.07 -29.01
CA LYS A 109 -13.27 31.26 -28.85
C LYS A 109 -13.67 30.85 -30.47
C LYS A 109 -13.90 30.03 -29.53
N GLY A 110 -14.62 29.96 -30.71
N GLY A 110 -14.48 29.16 -28.71
CA GLY A 110 -15.07 29.67 -32.07
CA GLY A 110 -15.15 27.94 -29.15
C GLY A 110 -14.15 28.73 -32.82
C GLY A 110 -14.29 26.70 -29.05
N ALA A 111 -14.49 28.41 -34.09
N ALA A 111 -14.62 25.70 -29.85
CA ALA A 111 -13.68 27.51 -34.90
CA ALA A 111 -13.86 24.45 -29.90
C ALA A 111 -13.73 27.86 -36.40
C ALA A 111 -13.77 24.01 -31.35
N GLY A 112 -12.71 27.44 -37.13
N GLY A 112 -12.61 23.51 -31.74
CA GLY A 112 -12.61 27.68 -38.57
CA GLY A 112 -12.39 23.07 -33.11
C GLY A 112 -12.47 29.15 -38.92
C GLY A 112 -11.22 23.77 -33.78
N GLU A 113 -13.40 29.67 -39.72
N GLU A 113 -11.27 23.88 -35.10
CA GLU A 113 -13.36 31.09 -40.10
CA GLU A 113 -10.19 24.50 -35.88
C GLU A 113 -13.77 32.02 -38.94
C GLU A 113 -10.53 25.93 -36.33
N ARG A 114 -14.47 31.49 -37.92
N ARG A 114 -9.50 26.72 -36.69
CA ARG A 114 -14.89 32.29 -36.78
CA ARG A 114 -9.60 28.10 -37.24
C ARG A 114 -13.92 32.22 -35.59
C ARG A 114 -10.45 29.08 -36.40
N LEU A 115 -12.73 31.60 -35.75
N LEU A 115 -10.23 29.10 -35.08
CA LEU A 115 -11.77 31.48 -34.65
CA LEU A 115 -11.00 29.96 -34.18
C LEU A 115 -11.26 32.83 -34.20
C LEU A 115 -10.31 31.30 -33.86
N SER A 116 -11.43 33.12 -32.93
N SER A 116 -11.10 32.31 -33.38
CA SER A 116 -10.96 34.37 -32.35
CA SER A 116 -10.60 33.62 -32.90
C SER A 116 -10.03 34.05 -31.22
C SER A 116 -9.69 33.42 -31.67
N GLU A 117 -8.75 34.37 -31.40
CA GLU A 117 -7.81 34.20 -30.30
C GLU A 117 -7.67 35.51 -29.54
N GLU A 118 -7.30 35.42 -28.26
CA GLU A 118 -7.02 36.54 -27.39
C GLU A 118 -5.85 36.15 -26.50
N PRO A 119 -4.78 36.94 -26.43
CA PRO A 119 -3.66 36.59 -25.55
C PRO A 119 -4.05 36.66 -24.07
N LEU A 120 -3.48 35.78 -23.24
CA LEU A 120 -3.75 35.79 -21.82
C LEU A 120 -2.49 36.18 -21.08
N GLN A 121 -2.64 36.99 -20.01
CA GLN A 121 -1.49 37.31 -19.17
C GLN A 121 -1.41 36.24 -18.09
N VAL A 122 -0.19 35.85 -17.72
CA VAL A 122 0.01 34.77 -16.76
C VAL A 122 0.56 35.25 -15.43
N LEU A 123 -0.10 34.90 -14.33
CA LEU A 123 0.35 35.12 -12.96
C LEU A 123 0.57 33.75 -12.31
N GLU A 124 1.46 33.67 -11.32
CA GLU A 124 1.72 32.40 -10.65
C GLU A 124 1.71 32.56 -9.16
N HIS A 125 1.22 31.53 -8.46
CA HIS A 125 1.25 31.47 -7.01
C HIS A 125 1.87 30.12 -6.69
N PRO A 126 3.20 30.04 -6.65
CA PRO A 126 3.87 28.74 -6.45
C PRO A 126 3.50 27.98 -5.18
N ARG A 127 3.22 28.68 -4.06
CA ARG A 127 2.83 28.02 -2.80
C ARG A 127 1.47 27.29 -2.94
N GLN A 128 0.51 27.92 -3.62
CA GLN A 128 -0.78 27.27 -3.88
C GLN A 128 -0.73 26.33 -5.12
N GLU A 129 0.42 26.27 -5.81
CA GLU A 129 0.62 25.45 -7.02
C GLU A 129 -0.41 25.85 -8.07
N GLN A 130 -0.68 27.15 -8.21
CA GLN A 130 -1.66 27.64 -9.16
C GLN A 130 -1.08 28.70 -10.09
N ILE A 131 -1.72 28.86 -11.24
CA ILE A 131 -1.47 29.96 -12.16
C ILE A 131 -2.83 30.63 -12.43
N ALA A 132 -2.80 31.92 -12.78
CA ALA A 132 -3.98 32.70 -13.12
C ALA A 132 -3.81 33.23 -14.55
N LEU A 133 -4.80 33.00 -15.41
CA LEU A 133 -4.76 33.45 -16.79
C LEU A 133 -5.78 34.55 -16.92
N LEU A 134 -5.31 35.75 -17.33
CA LEU A 134 -6.11 36.96 -17.39
C LEU A 134 -6.47 37.34 -18.84
N ALA A 135 -7.77 37.40 -19.13
CA ALA A 135 -8.25 37.69 -20.49
C ALA A 135 -8.53 39.18 -20.64
N PRO A 136 -8.44 39.72 -21.86
CA PRO A 136 -8.72 41.17 -22.05
C PRO A 136 -10.20 41.55 -21.89
N GLU A 137 -11.10 40.56 -21.88
CA GLU A 137 -12.53 40.78 -21.72
C GLU A 137 -13.17 39.54 -21.08
N PRO A 138 -14.33 39.68 -20.42
CA PRO A 138 -14.92 38.52 -19.76
C PRO A 138 -15.36 37.41 -20.69
N LEU A 139 -15.28 36.16 -20.18
CA LEU A 139 -15.77 35.01 -20.91
C LEU A 139 -17.31 35.09 -20.89
N LEU A 140 -17.97 34.67 -21.98
CA LEU A 140 -19.42 34.65 -22.02
C LEU A 140 -19.90 33.35 -21.35
N VAL A 141 -20.87 33.45 -20.46
CA VAL A 141 -21.38 32.30 -19.72
C VAL A 141 -21.95 31.21 -20.61
N GLY A 142 -21.61 29.95 -20.30
CA GLY A 142 -22.12 28.79 -21.00
C GLY A 142 -21.55 28.51 -22.37
N LEU A 143 -20.66 29.38 -22.87
CA LEU A 143 -20.07 29.19 -24.18
C LEU A 143 -18.71 28.51 -24.12
N PRO A 144 -18.41 27.64 -25.09
CA PRO A 144 -17.11 26.97 -25.07
C PRO A 144 -15.94 27.87 -25.43
N TYR A 145 -14.84 27.70 -24.71
CA TYR A 145 -13.58 28.37 -24.98
C TYR A 145 -12.48 27.34 -24.89
N THR A 146 -11.32 27.62 -25.48
CA THR A 146 -10.17 26.72 -25.40
C THR A 146 -8.99 27.51 -24.90
N VAL A 147 -8.45 27.15 -23.75
CA VAL A 147 -7.24 27.76 -23.20
C VAL A 147 -6.07 27.01 -23.81
N VAL A 148 -5.12 27.72 -24.43
CA VAL A 148 -3.94 27.09 -25.04
C VAL A 148 -2.71 27.56 -24.30
N ILE A 149 -1.94 26.64 -23.72
CA ILE A 149 -0.76 26.99 -22.94
C ILE A 149 0.48 26.27 -23.47
N HIS A 150 1.56 27.04 -23.75
CA HIS A 150 2.84 26.49 -24.18
C HIS A 150 3.78 26.58 -23.00
N TYR A 151 4.51 25.50 -22.70
CA TYR A 151 5.37 25.48 -21.52
C TYR A 151 6.53 24.49 -21.68
N ALA A 152 7.46 24.56 -20.74
CA ALA A 152 8.60 23.66 -20.70
C ALA A 152 8.79 23.19 -19.25
N GLY A 153 9.45 22.07 -19.10
CA GLY A 153 9.80 21.55 -17.78
C GLY A 153 11.04 20.69 -17.89
N GLN A 154 11.51 20.23 -16.73
CA GLN A 154 12.61 19.28 -16.69
C GLN A 154 12.02 18.00 -16.12
N LEU A 155 12.41 16.83 -16.66
CA LEU A 155 11.95 15.54 -16.14
C LEU A 155 12.31 15.47 -14.66
N SER A 156 11.36 15.01 -13.84
CA SER A 156 11.61 14.94 -12.42
C SER A 156 12.66 13.90 -12.10
N GLU A 157 13.49 14.20 -11.11
CA GLU A 157 14.45 13.23 -10.59
C GLU A 157 13.85 12.50 -9.36
N THR A 158 12.55 12.70 -9.09
CA THR A 158 11.81 12.00 -8.04
C THR A 158 11.08 10.78 -8.67
N PHE A 159 10.15 10.16 -7.94
CA PHE A 159 9.33 9.10 -8.47
C PHE A 159 7.93 9.61 -8.81
N HIS A 160 7.73 10.95 -8.92
CA HIS A 160 6.42 11.47 -9.27
C HIS A 160 6.51 12.52 -10.38
N GLY A 161 5.35 12.88 -10.91
CA GLY A 161 5.32 13.76 -12.08
C GLY A 161 5.75 12.97 -13.29
N PHE A 162 6.35 13.66 -14.27
CA PHE A 162 6.86 13.01 -15.47
C PHE A 162 8.33 12.85 -15.14
N TYR A 163 8.74 11.64 -14.81
CA TYR A 163 10.04 11.40 -14.21
C TYR A 163 10.97 10.47 -14.97
N LYS A 164 12.26 10.62 -14.68
CA LYS A 164 13.28 9.80 -15.31
C LYS A 164 13.44 8.47 -14.61
N SER A 165 13.56 7.39 -15.38
CA SER A 165 13.84 6.05 -14.87
C SER A 165 14.99 5.48 -15.69
N THR A 166 15.86 4.69 -15.07
CA THR A 166 17.01 4.12 -15.79
C THR A 166 17.21 2.67 -15.45
N TYR A 167 17.96 1.96 -16.32
CA TYR A 167 18.36 0.62 -16.00
C TYR A 167 19.58 0.28 -16.84
N ARG A 168 20.30 -0.77 -16.48
CA ARG A 168 21.46 -1.18 -17.26
C ARG A 168 21.15 -2.47 -17.98
N THR A 169 21.50 -2.57 -19.26
CA THR A 169 21.27 -3.84 -19.98
C THR A 169 22.23 -4.90 -19.42
N LYS A 170 21.91 -6.18 -19.61
CA LYS A 170 22.82 -7.24 -19.14
C LYS A 170 24.23 -7.10 -19.77
N GLU A 171 24.28 -6.40 -20.92
CA GLU A 171 25.46 -6.07 -21.70
C GLU A 171 26.24 -4.84 -21.15
N GLY A 172 25.69 -4.12 -20.18
CA GLY A 172 26.32 -2.99 -19.49
C GLY A 172 25.90 -1.57 -19.86
N GLU A 173 25.01 -1.41 -20.86
CA GLU A 173 24.59 -0.09 -21.34
C GLU A 173 23.55 0.58 -20.44
N LEU A 174 23.77 1.86 -20.06
CA LEU A 174 22.77 2.60 -19.29
C LEU A 174 21.66 3.05 -20.27
N ARG A 175 20.41 2.75 -19.94
CA ARG A 175 19.26 3.14 -20.75
C ARG A 175 18.40 4.09 -19.91
N ILE A 176 17.86 5.13 -20.55
CA ILE A 176 17.03 6.12 -19.92
C ILE A 176 15.63 6.04 -20.51
N LEU A 177 14.61 6.04 -19.65
CA LEU A 177 13.20 6.11 -20.07
C LEU A 177 12.50 7.22 -19.26
N ALA A 178 11.28 7.57 -19.64
CA ALA A 178 10.51 8.60 -18.96
C ALA A 178 9.11 8.03 -18.72
N SER A 179 8.62 8.14 -17.49
CA SER A 179 7.32 7.57 -17.11
C SER A 179 6.57 8.53 -16.21
N THR A 180 5.30 8.25 -15.95
CA THR A 180 4.50 9.16 -15.13
C THR A 180 4.00 8.50 -13.87
N GLN A 181 3.79 9.34 -12.86
CA GLN A 181 3.09 8.93 -11.64
C GLN A 181 2.44 10.20 -11.12
N PHE A 182 1.12 10.31 -11.24
CA PHE A 182 0.45 11.58 -10.88
C PHE A 182 -0.35 11.53 -9.63
N GLU A 183 -0.90 10.35 -9.25
CA GLU A 183 -1.74 10.37 -8.05
C GLU A 183 -0.93 10.66 -6.80
N PRO A 184 -1.37 11.58 -5.93
CA PRO A 184 -2.60 12.35 -6.03
C PRO A 184 -2.52 13.68 -6.81
N THR A 185 -1.49 14.52 -6.59
CA THR A 185 -1.50 15.89 -7.10
C THR A 185 -0.34 16.24 -8.03
N ALA A 186 0.23 15.26 -8.74
CA ALA A 186 1.40 15.54 -9.59
C ALA A 186 1.09 15.68 -11.07
N ALA A 187 -0.17 15.55 -11.55
CA ALA A 187 -0.44 15.81 -12.98
C ALA A 187 -0.04 17.24 -13.34
N ARG A 188 -0.23 18.18 -12.39
CA ARG A 188 0.12 19.60 -12.56
C ARG A 188 1.62 19.83 -12.77
N MET A 189 2.46 18.82 -12.52
CA MET A 189 3.92 18.90 -12.78
C MET A 189 4.24 18.45 -14.21
N ALA A 190 3.25 17.93 -14.97
CA ALA A 190 3.47 17.49 -16.35
C ALA A 190 2.71 18.33 -17.35
N PHE A 191 1.54 18.84 -16.96
CA PHE A 191 0.73 19.72 -17.81
C PHE A 191 -0.15 20.57 -16.92
N PRO A 192 -0.37 21.84 -17.28
CA PRO A 192 -1.26 22.68 -16.47
C PRO A 192 -2.67 22.16 -16.59
N CYS A 193 -3.40 22.12 -15.45
CA CYS A 193 -4.73 21.51 -15.49
C CYS A 193 -5.56 21.85 -14.26
N PHE A 194 -6.85 21.49 -14.28
CA PHE A 194 -7.71 21.66 -13.11
C PHE A 194 -7.49 20.35 -12.33
N ASP A 195 -6.46 20.34 -11.51
CA ASP A 195 -5.95 19.09 -10.94
C ASP A 195 -6.61 18.69 -9.62
N GLU A 196 -7.92 18.46 -9.67
CA GLU A 196 -8.74 17.93 -8.57
C GLU A 196 -9.58 16.81 -9.18
N PRO A 197 -9.82 15.72 -8.42
CA PRO A 197 -10.42 14.53 -9.04
C PRO A 197 -11.84 14.67 -9.53
N ALA A 198 -12.58 15.69 -9.06
CA ALA A 198 -13.96 15.88 -9.50
C ALA A 198 -14.08 16.70 -10.79
N PHE A 199 -12.95 17.22 -11.31
CA PHE A 199 -12.97 17.96 -12.58
C PHE A 199 -12.67 16.95 -13.69
N LYS A 200 -13.60 16.01 -13.91
CA LYS A 200 -13.35 14.98 -14.92
C LYS A 200 -13.46 15.55 -16.34
N ALA A 201 -12.71 14.95 -17.26
CA ALA A 201 -12.66 15.42 -18.63
C ALA A 201 -12.09 14.30 -19.52
N SER A 202 -12.25 14.43 -20.85
CA SER A 202 -11.61 13.48 -21.76
C SER A 202 -10.23 14.04 -22.13
N PHE A 203 -9.30 13.16 -22.49
CA PHE A 203 -7.94 13.56 -22.82
C PHE A 203 -7.47 12.94 -24.14
N SER A 204 -6.96 13.80 -25.06
CA SER A 204 -6.38 13.33 -26.31
C SER A 204 -4.88 13.62 -26.19
N ILE A 205 -4.08 12.57 -26.13
CA ILE A 205 -2.64 12.70 -25.89
C ILE A 205 -1.81 12.44 -27.13
N LYS A 206 -0.84 13.34 -27.37
CA LYS A 206 0.08 13.23 -28.50
C LYS A 206 1.49 13.33 -27.95
N ILE A 207 2.36 12.41 -28.35
CA ILE A 207 3.74 12.40 -27.85
C ILE A 207 4.73 12.51 -28.98
N ARG A 208 5.65 13.46 -28.92
CA ARG A 208 6.72 13.57 -29.92
C ARG A 208 7.94 12.89 -29.31
N ARG A 209 8.52 11.96 -30.05
CA ARG A 209 9.63 11.16 -29.56
C ARG A 209 10.64 10.80 -30.66
N GLU A 210 11.80 10.32 -30.26
CA GLU A 210 12.80 9.84 -31.20
C GLU A 210 12.33 8.49 -31.77
N PRO A 211 12.66 8.20 -33.03
CA PRO A 211 12.30 6.90 -33.61
C PRO A 211 12.78 5.69 -32.82
N ARG A 212 13.89 5.82 -32.06
CA ARG A 212 14.41 4.68 -31.29
C ARG A 212 13.57 4.30 -30.07
N HIS A 213 12.57 5.14 -29.73
CA HIS A 213 11.75 4.85 -28.56
C HIS A 213 10.33 4.50 -28.94
N LEU A 214 9.65 3.83 -28.02
CA LEU A 214 8.25 3.50 -28.10
C LEU A 214 7.53 4.39 -27.09
N ALA A 215 6.36 4.90 -27.45
CA ALA A 215 5.51 5.59 -26.50
C ALA A 215 4.21 4.80 -26.33
N ILE A 216 3.75 4.70 -25.09
CA ILE A 216 2.44 4.14 -24.78
C ILE A 216 1.72 5.11 -23.85
N SER A 217 0.41 5.03 -23.82
CA SER A 217 -0.41 5.94 -23.01
C SER A 217 -1.70 5.23 -22.58
N ASN A 218 -2.71 5.97 -22.07
CA ASN A 218 -3.94 5.33 -21.60
C ASN A 218 -4.67 4.57 -22.70
N MET A 219 -4.75 5.16 -23.89
CA MET A 219 -5.55 4.60 -24.98
C MET A 219 -4.68 4.04 -26.12
N PRO A 220 -5.29 3.28 -27.06
CA PRO A 220 -4.51 2.76 -28.20
C PRO A 220 -3.87 3.84 -29.07
N LEU A 221 -2.77 3.49 -29.70
CA LEU A 221 -2.07 4.34 -30.66
C LEU A 221 -2.89 4.29 -31.94
N VAL A 222 -3.29 5.46 -32.45
CA VAL A 222 -4.09 5.45 -33.68
C VAL A 222 -3.34 5.91 -34.91
N LYS A 223 -2.22 6.62 -34.72
CA LYS A 223 -1.44 7.10 -35.86
C LYS A 223 -0.09 7.59 -35.39
N SER A 224 0.94 7.41 -36.21
CA SER A 224 2.28 7.92 -35.95
C SER A 224 2.65 8.72 -37.17
N VAL A 225 3.08 9.96 -36.94
CA VAL A 225 3.38 10.88 -38.03
C VAL A 225 4.81 11.38 -37.92
N THR A 226 5.56 11.40 -39.04
CA THR A 226 6.89 11.97 -39.02
C THR A 226 6.74 13.49 -38.94
N VAL A 227 7.45 14.14 -38.02
CA VAL A 227 7.42 15.60 -37.90
C VAL A 227 8.86 16.16 -38.11
N ALA A 228 9.05 17.47 -38.01
CA ALA A 228 10.34 18.10 -38.22
C ALA A 228 11.42 17.59 -37.28
N GLU A 229 12.67 17.66 -37.75
CA GLU A 229 13.87 17.35 -37.01
C GLU A 229 13.98 15.92 -36.51
N GLY A 230 13.61 14.98 -37.38
CA GLY A 230 13.74 13.55 -37.15
C GLY A 230 12.94 12.98 -35.98
N LEU A 231 11.82 13.62 -35.65
CA LEU A 231 10.97 13.14 -34.57
C LEU A 231 9.71 12.51 -35.12
N ILE A 232 9.06 11.68 -34.31
CA ILE A 232 7.80 11.06 -34.67
C ILE A 232 6.75 11.48 -33.65
N GLU A 233 5.56 11.82 -34.11
CA GLU A 233 4.47 12.24 -33.25
C GLU A 233 3.43 11.13 -33.20
N ASP A 234 3.25 10.53 -32.02
CA ASP A 234 2.25 9.47 -31.85
C ASP A 234 0.94 10.09 -31.40
N HIS A 235 -0.19 9.65 -31.96
CA HIS A 235 -1.50 10.17 -31.54
C HIS A 235 -2.23 9.03 -30.89
N PHE A 236 -2.70 9.24 -29.65
CA PHE A 236 -3.45 8.23 -28.92
C PHE A 236 -4.95 8.59 -28.97
N ASP A 237 -5.81 7.58 -28.99
CA ASP A 237 -7.26 7.86 -29.04
C ASP A 237 -7.74 8.63 -27.80
N VAL A 238 -8.88 9.30 -27.91
CA VAL A 238 -9.40 10.08 -26.80
C VAL A 238 -9.83 9.16 -25.66
N THR A 239 -9.51 9.55 -24.42
CA THR A 239 -9.97 8.75 -23.28
C THR A 239 -11.46 8.98 -23.05
N VAL A 240 -12.07 8.11 -22.23
CA VAL A 240 -13.37 8.37 -21.64
C VAL A 240 -13.17 9.51 -20.59
N LYS A 241 -14.26 10.05 -20.03
CA LYS A 241 -14.19 11.08 -19.01
C LYS A 241 -13.52 10.50 -17.76
N MET A 242 -12.50 11.19 -17.28
CA MET A 242 -11.73 10.69 -16.14
C MET A 242 -11.01 11.82 -15.41
N SER A 243 -10.41 11.50 -14.26
CA SER A 243 -9.67 12.45 -13.45
C SER A 243 -8.25 12.64 -13.98
N THR A 244 -7.67 13.84 -13.77
CA THR A 244 -6.32 14.13 -14.24
C THR A 244 -5.29 13.17 -13.66
N TYR A 245 -5.50 12.69 -12.42
CA TYR A 245 -4.46 11.84 -11.80
C TYR A 245 -4.27 10.50 -12.52
N LEU A 246 -5.23 10.12 -13.39
CA LEU A 246 -5.14 8.86 -14.11
C LEU A 246 -4.44 8.96 -15.47
N VAL A 247 -4.10 10.16 -15.95
CA VAL A 247 -3.37 10.29 -17.21
C VAL A 247 -2.00 9.63 -17.07
N ALA A 248 -1.55 8.91 -18.10
CA ALA A 248 -0.25 8.27 -18.08
C ALA A 248 0.36 8.20 -19.45
N PHE A 249 1.69 8.25 -19.48
CA PHE A 249 2.44 8.07 -20.72
C PHE A 249 3.86 7.66 -20.39
N ILE A 250 4.42 6.79 -21.22
CA ILE A 250 5.75 6.23 -21.00
C ILE A 250 6.51 6.22 -22.31
N ILE A 251 7.75 6.71 -22.30
CA ILE A 251 8.63 6.71 -23.49
C ILE A 251 9.80 5.79 -23.10
N SER A 252 9.94 4.66 -23.82
CA SER A 252 10.90 3.65 -23.38
C SER A 252 11.37 2.76 -24.52
N ASP A 253 12.11 1.71 -24.17
CA ASP A 253 12.51 0.68 -25.12
C ASP A 253 11.77 -0.64 -24.76
N PHE A 254 10.63 -0.58 -24.06
CA PHE A 254 9.97 -1.81 -23.59
C PHE A 254 9.54 -2.77 -24.68
N GLU A 255 9.67 -4.05 -24.36
CA GLU A 255 9.09 -5.15 -25.12
C GLU A 255 7.71 -5.43 -24.53
N SER A 256 6.86 -6.15 -25.27
CA SER A 256 5.53 -6.49 -24.74
C SER A 256 5.09 -7.87 -25.15
N VAL A 257 4.12 -8.40 -24.40
CA VAL A 257 3.41 -9.64 -24.71
C VAL A 257 1.93 -9.37 -24.53
N SER A 258 1.05 -10.07 -25.28
CA SER A 258 -0.37 -9.79 -25.18
CA SER A 258 -0.37 -9.79 -25.20
C SER A 258 -1.26 -11.03 -25.22
N LYS A 259 -2.51 -10.86 -24.77
CA LYS A 259 -3.53 -11.89 -24.76
C LYS A 259 -4.87 -11.16 -24.77
N ILE A 260 -5.86 -11.70 -25.47
CA ILE A 260 -7.17 -11.05 -25.58
C ILE A 260 -8.15 -11.72 -24.65
N THR A 261 -8.95 -10.91 -23.93
CA THR A 261 -9.97 -11.48 -23.04
C THR A 261 -11.15 -12.03 -23.88
N LYS A 262 -12.08 -12.77 -23.21
CA LYS A 262 -13.30 -13.23 -23.87
C LYS A 262 -14.12 -12.04 -24.41
N SER A 263 -14.03 -10.87 -23.73
CA SER A 263 -14.74 -9.66 -24.15
C SER A 263 -14.05 -8.88 -25.27
N GLY A 264 -12.90 -9.34 -25.75
CA GLY A 264 -12.21 -8.69 -26.84
C GLY A 264 -11.22 -7.61 -26.41
N VAL A 265 -10.94 -7.50 -25.09
CA VAL A 265 -9.98 -6.50 -24.62
C VAL A 265 -8.56 -7.02 -24.81
N LYS A 266 -7.68 -6.21 -25.39
CA LYS A 266 -6.27 -6.63 -25.59
C LYS A 266 -5.49 -6.29 -24.33
N VAL A 267 -5.01 -7.30 -23.60
CA VAL A 267 -4.23 -7.08 -22.39
C VAL A 267 -2.78 -7.30 -22.74
N SER A 268 -1.91 -6.38 -22.33
CA SER A 268 -0.48 -6.54 -22.57
C SER A 268 0.31 -6.27 -21.32
N VAL A 269 1.45 -6.94 -21.21
CA VAL A 269 2.45 -6.65 -20.21
C VAL A 269 3.68 -6.08 -20.96
N TYR A 270 4.22 -4.97 -20.45
CA TYR A 270 5.40 -4.30 -20.97
C TYR A 270 6.48 -4.35 -19.91
N ALA A 271 7.71 -4.58 -20.37
CA ALA A 271 8.84 -4.63 -19.46
C ALA A 271 10.11 -4.40 -20.26
N VAL A 272 11.25 -4.14 -19.60
CA VAL A 272 12.52 -4.02 -20.31
C VAL A 272 12.82 -5.33 -21.08
N PRO A 273 13.47 -5.23 -22.23
CA PRO A 273 13.69 -6.46 -23.03
C PRO A 273 14.30 -7.63 -22.25
N ASP A 274 15.24 -7.37 -21.32
CA ASP A 274 15.85 -8.46 -20.57
C ASP A 274 14.91 -9.17 -19.60
N LYS A 275 13.73 -8.58 -19.33
CA LYS A 275 12.77 -9.11 -18.35
C LYS A 275 11.41 -9.49 -18.93
N ILE A 276 11.19 -9.32 -20.25
CA ILE A 276 9.87 -9.66 -20.82
C ILE A 276 9.60 -11.14 -20.69
N ASN A 277 10.65 -11.99 -20.61
CA ASN A 277 10.42 -13.42 -20.39
C ASN A 277 9.80 -13.75 -19.02
N GLN A 278 9.69 -12.75 -18.12
CA GLN A 278 9.07 -12.90 -16.80
C GLN A 278 7.63 -12.41 -16.77
N ALA A 279 7.05 -12.04 -17.91
CA ALA A 279 5.73 -11.43 -17.94
C ALA A 279 4.54 -12.35 -18.03
N ASP A 280 4.74 -13.65 -18.35
CA ASP A 280 3.58 -14.51 -18.61
C ASP A 280 2.64 -14.70 -17.45
N TYR A 281 3.15 -14.85 -16.22
CA TYR A 281 2.26 -15.08 -15.09
C TYR A 281 1.29 -13.91 -14.89
N ALA A 282 1.83 -12.68 -14.89
CA ALA A 282 0.99 -11.50 -14.69
C ALA A 282 0.05 -11.32 -15.88
N LEU A 283 0.47 -11.66 -17.11
CA LEU A 283 -0.41 -11.53 -18.27
C LEU A 283 -1.63 -12.44 -18.12
N ASP A 284 -1.38 -13.70 -17.77
CA ASP A 284 -2.48 -14.66 -17.59
C ASP A 284 -3.38 -14.24 -16.43
N ALA A 285 -2.78 -13.76 -15.32
CA ALA A 285 -3.56 -13.36 -14.16
C ALA A 285 -4.42 -12.15 -14.50
N ALA A 286 -3.87 -11.18 -15.26
CA ALA A 286 -4.60 -9.98 -15.63
C ALA A 286 -5.80 -10.32 -16.48
N VAL A 287 -5.65 -11.23 -17.45
CA VAL A 287 -6.79 -11.61 -18.29
C VAL A 287 -7.89 -12.24 -17.44
N THR A 288 -7.51 -13.20 -16.58
CA THR A 288 -8.48 -13.87 -15.72
C THR A 288 -9.18 -12.89 -14.78
N LEU A 289 -8.42 -11.98 -14.17
CA LEU A 289 -9.00 -11.02 -13.22
C LEU A 289 -9.86 -9.97 -13.91
N LEU A 290 -9.46 -9.48 -15.12
CA LEU A 290 -10.32 -8.52 -15.83
C LEU A 290 -11.65 -9.19 -16.19
N GLU A 291 -11.60 -10.45 -16.65
CA GLU A 291 -12.82 -11.19 -16.98
C GLU A 291 -13.68 -11.39 -15.73
N PHE A 292 -13.05 -11.70 -14.58
CA PHE A 292 -13.77 -11.86 -13.32
C PHE A 292 -14.54 -10.58 -12.99
N TYR A 293 -13.84 -9.42 -13.05
CA TYR A 293 -14.48 -8.16 -12.65
C TYR A 293 -15.61 -7.77 -13.61
N GLU A 294 -15.43 -7.98 -14.92
CA GLU A 294 -16.48 -7.64 -15.90
C GLU A 294 -17.76 -8.43 -15.59
N ASP A 295 -17.60 -9.70 -15.24
CA ASP A 295 -18.76 -10.55 -14.95
C ASP A 295 -19.34 -10.20 -13.58
N TYR A 296 -18.47 -9.98 -12.60
CA TYR A 296 -18.88 -9.70 -11.24
C TYR A 296 -19.69 -8.38 -11.14
N PHE A 297 -19.16 -7.31 -11.70
CA PHE A 297 -19.80 -5.99 -11.62
C PHE A 297 -20.91 -5.79 -12.65
N SER A 298 -21.02 -6.69 -13.64
CA SER A 298 -21.97 -6.57 -14.76
C SER A 298 -21.78 -5.27 -15.54
N ILE A 299 -20.54 -4.76 -15.57
CA ILE A 299 -20.20 -3.53 -16.28
C ILE A 299 -18.93 -3.82 -17.02
N PRO A 300 -18.97 -3.86 -18.35
CA PRO A 300 -17.75 -4.17 -19.10
C PRO A 300 -16.65 -3.15 -18.88
N TYR A 301 -15.42 -3.59 -19.05
CA TYR A 301 -14.27 -2.68 -19.06
C TYR A 301 -14.42 -1.87 -20.39
N PRO A 302 -14.38 -0.54 -20.31
CA PRO A 302 -14.80 0.26 -21.47
C PRO A 302 -13.76 0.63 -22.51
N LEU A 303 -12.47 0.30 -22.27
CA LEU A 303 -11.41 0.68 -23.20
C LEU A 303 -11.01 -0.50 -24.06
N PRO A 304 -10.42 -0.27 -25.24
CA PRO A 304 -10.07 -1.40 -26.11
C PRO A 304 -8.91 -2.24 -25.61
N LYS A 305 -8.09 -1.66 -24.72
CA LYS A 305 -6.92 -2.37 -24.24
C LYS A 305 -6.60 -2.02 -22.81
N GLN A 306 -5.81 -2.90 -22.17
CA GLN A 306 -5.33 -2.67 -20.81
CA GLN A 306 -5.35 -2.68 -20.80
C GLN A 306 -3.87 -3.08 -20.78
N ASP A 307 -3.00 -2.14 -20.41
CA ASP A 307 -1.58 -2.42 -20.32
C ASP A 307 -1.11 -2.49 -18.90
N LEU A 308 -0.11 -3.33 -18.64
CA LEU A 308 0.49 -3.47 -17.30
C LEU A 308 1.99 -3.30 -17.56
N ALA A 309 2.59 -2.20 -17.08
CA ALA A 309 3.99 -1.91 -17.41
C ALA A 309 4.85 -1.94 -16.17
N ALA A 310 5.96 -2.70 -16.24
CA ALA A 310 6.89 -2.83 -15.14
C ALA A 310 7.97 -1.77 -15.30
N ILE A 311 7.98 -0.82 -14.36
CA ILE A 311 8.89 0.33 -14.45
C ILE A 311 10.14 0.08 -13.62
N PRO A 312 11.33 0.35 -14.15
CA PRO A 312 12.55 0.07 -13.38
C PRO A 312 12.70 0.86 -12.08
N ASP A 313 12.07 2.02 -11.99
CA ASP A 313 12.09 2.83 -10.76
C ASP A 313 10.65 3.20 -10.47
N PHE A 314 10.15 2.84 -9.29
CA PHE A 314 8.77 3.10 -8.97
C PHE A 314 8.67 3.19 -7.43
N GLN A 315 8.00 4.23 -6.92
CA GLN A 315 7.94 4.44 -5.46
C GLN A 315 7.01 3.50 -4.70
N SER A 316 5.74 3.47 -5.06
CA SER A 316 4.78 2.60 -4.38
CA SER A 316 4.78 2.60 -4.39
C SER A 316 4.86 1.20 -5.03
N GLY A 317 3.85 0.36 -4.85
CA GLY A 317 3.85 -0.95 -5.45
C GLY A 317 3.39 -0.87 -6.89
N ALA A 318 2.33 -0.07 -7.15
CA ALA A 318 1.72 -0.03 -8.49
C ALA A 318 0.74 1.17 -8.55
N MET A 319 0.18 1.42 -9.74
CA MET A 319 -0.75 2.54 -9.92
C MET A 319 -1.77 2.16 -10.99
N GLU A 320 -3.01 2.58 -10.81
CA GLU A 320 -4.12 2.12 -11.63
C GLU A 320 -4.47 2.98 -12.83
N ASN A 321 -3.52 3.73 -13.42
CA ASN A 321 -3.86 4.61 -14.58
C ASN A 321 -4.71 3.88 -15.62
N TRP A 322 -5.85 4.46 -15.98
CA TRP A 322 -6.83 3.76 -16.80
C TRP A 322 -6.28 3.35 -18.16
N GLY A 323 -6.20 2.05 -18.43
CA GLY A 323 -5.63 1.59 -19.69
C GLY A 323 -4.11 1.41 -19.66
N LEU A 324 -3.44 1.94 -18.61
CA LEU A 324 -1.99 1.84 -18.52
C LEU A 324 -1.56 1.73 -17.05
N THR A 325 -1.82 0.55 -16.47
CA THR A 325 -1.43 0.33 -15.07
C THR A 325 0.08 0.13 -15.02
N THR A 326 0.71 0.64 -13.95
CA THR A 326 2.14 0.63 -13.78
C THR A 326 2.52 -0.06 -12.49
N TYR A 327 3.70 -0.66 -12.47
CA TYR A 327 4.13 -1.48 -11.35
C TYR A 327 5.59 -1.37 -11.11
N ARG A 328 6.01 -1.59 -9.86
CA ARG A 328 7.41 -1.93 -9.58
C ARG A 328 7.67 -3.26 -10.30
N GLU A 329 8.90 -3.49 -10.77
CA GLU A 329 9.20 -4.79 -11.42
C GLU A 329 8.92 -5.96 -10.45
N SER A 330 9.19 -5.74 -9.16
CA SER A 330 8.94 -6.79 -8.15
C SER A 330 7.45 -7.09 -7.92
N ALA A 331 6.56 -6.18 -8.29
CA ALA A 331 5.11 -6.39 -8.12
C ALA A 331 4.44 -7.00 -9.38
N LEU A 332 5.21 -7.30 -10.44
CA LEU A 332 4.62 -7.79 -11.67
C LEU A 332 5.36 -8.96 -12.30
N LEU A 333 6.68 -8.98 -12.19
CA LEU A 333 7.49 -9.96 -12.92
C LEU A 333 7.82 -11.18 -12.11
N PHE A 334 7.56 -12.37 -12.71
CA PHE A 334 7.70 -13.65 -12.03
C PHE A 334 8.69 -14.53 -12.77
N ASP A 335 9.70 -15.01 -12.04
CA ASP A 335 10.72 -15.92 -12.56
C ASP A 335 10.39 -17.28 -11.96
N ALA A 336 9.92 -18.24 -12.76
CA ALA A 336 9.48 -19.53 -12.20
C ALA A 336 10.53 -20.29 -11.46
N GLU A 337 11.81 -19.93 -11.62
CA GLU A 337 12.88 -20.63 -10.94
C GLU A 337 13.41 -19.93 -9.72
N LYS A 338 13.25 -18.60 -9.64
CA LYS A 338 13.83 -17.83 -8.52
C LYS A 338 12.80 -17.07 -7.69
N SER A 339 11.59 -16.86 -8.21
CA SER A 339 10.59 -16.10 -7.44
C SER A 339 10.05 -16.91 -6.28
N SER A 340 9.79 -16.23 -5.17
CA SER A 340 9.23 -16.86 -3.99
C SER A 340 7.73 -17.09 -4.13
N ALA A 341 7.19 -17.94 -3.25
CA ALA A 341 5.76 -18.18 -3.19
C ALA A 341 5.06 -16.87 -2.77
N SER A 342 5.65 -16.12 -1.82
CA SER A 342 5.03 -14.86 -1.39
CA SER A 342 5.09 -14.83 -1.37
CA SER A 342 5.08 -14.83 -1.38
C SER A 342 5.00 -13.85 -2.54
N SER A 343 6.03 -13.85 -3.42
CA SER A 343 6.01 -12.92 -4.54
C SER A 343 4.94 -13.29 -5.56
N LYS A 344 4.63 -14.57 -5.74
CA LYS A 344 3.57 -15.00 -6.64
C LYS A 344 2.22 -14.51 -6.11
N LEU A 345 1.99 -14.69 -4.81
CA LEU A 345 0.79 -14.18 -4.16
C LEU A 345 0.74 -12.63 -4.32
N GLY A 346 1.84 -11.95 -4.05
CA GLY A 346 1.90 -10.50 -4.15
C GLY A 346 1.59 -9.98 -5.54
N ILE A 347 2.13 -10.65 -6.60
CA ILE A 347 1.84 -10.17 -7.98
C ILE A 347 0.35 -10.34 -8.25
N THR A 348 -0.22 -11.51 -7.87
CA THR A 348 -1.62 -11.79 -8.13
C THR A 348 -2.50 -10.74 -7.43
N MET A 349 -2.19 -10.44 -6.16
CA MET A 349 -2.98 -9.48 -5.42
CA MET A 349 -2.96 -9.48 -5.39
C MET A 349 -2.80 -8.07 -5.94
N THR A 350 -1.59 -7.73 -6.38
CA THR A 350 -1.35 -6.36 -6.89
C THR A 350 -2.09 -6.15 -8.19
N VAL A 351 -2.02 -7.12 -9.11
CA VAL A 351 -2.77 -7.05 -10.36
C VAL A 351 -4.29 -6.97 -10.04
N ALA A 352 -4.76 -7.79 -9.07
CA ALA A 352 -6.19 -7.74 -8.71
C ALA A 352 -6.59 -6.36 -8.17
N HIS A 353 -5.67 -5.73 -7.40
CA HIS A 353 -5.93 -4.42 -6.82
C HIS A 353 -6.03 -3.38 -7.93
N GLU A 354 -5.04 -3.35 -8.85
CA GLU A 354 -5.08 -2.33 -9.90
C GLU A 354 -6.25 -2.51 -10.83
N LEU A 355 -6.62 -3.78 -11.13
CA LEU A 355 -7.76 -4.00 -12.01
C LEU A 355 -9.07 -3.67 -11.29
N ALA A 356 -9.18 -3.92 -9.98
CA ALA A 356 -10.42 -3.50 -9.25
C ALA A 356 -10.64 -1.99 -9.38
N HIS A 357 -9.52 -1.21 -9.34
CA HIS A 357 -9.62 0.25 -9.44
C HIS A 357 -10.19 0.69 -10.78
N GLN A 358 -10.14 -0.15 -11.84
CA GLN A 358 -10.72 0.32 -13.11
C GLN A 358 -12.21 0.67 -12.93
N TRP A 359 -12.87 0.05 -11.92
CA TRP A 359 -14.26 0.31 -11.56
C TRP A 359 -14.25 1.19 -10.30
N PHE A 360 -13.60 0.70 -9.21
CA PHE A 360 -13.49 1.47 -7.95
C PHE A 360 -12.34 2.42 -7.93
N GLY A 361 -12.53 3.55 -8.59
CA GLY A 361 -11.54 4.62 -8.61
C GLY A 361 -11.54 5.35 -9.94
N ASN A 362 -11.60 4.60 -11.01
CA ASN A 362 -11.52 5.18 -12.35
C ASN A 362 -12.92 5.48 -12.89
N LEU A 363 -13.77 4.46 -12.98
CA LEU A 363 -15.15 4.66 -13.45
C LEU A 363 -15.91 5.51 -12.44
N VAL A 364 -15.80 5.18 -11.16
CA VAL A 364 -16.41 5.95 -10.07
C VAL A 364 -15.25 6.40 -9.23
N THR A 365 -15.16 7.70 -8.95
CA THR A 365 -14.03 8.27 -8.23
C THR A 365 -14.54 9.07 -7.03
N MET A 366 -13.79 9.09 -5.89
CA MET A 366 -14.24 9.94 -4.77
C MET A 366 -14.26 11.41 -5.22
N GLU A 367 -15.18 12.18 -4.68
CA GLU A 367 -15.30 13.59 -5.01
C GLU A 367 -14.07 14.37 -4.53
N TRP A 368 -13.52 14.01 -3.38
CA TRP A 368 -12.35 14.65 -2.83
C TRP A 368 -11.59 13.66 -1.96
N TRP A 369 -10.33 13.94 -1.70
CA TRP A 369 -9.41 13.05 -1.01
C TRP A 369 -9.80 12.69 0.42
N ASN A 370 -10.72 13.45 1.03
CA ASN A 370 -11.23 13.07 2.35
C ASN A 370 -11.89 11.69 2.31
N ASP A 371 -12.40 11.29 1.13
CA ASP A 371 -13.03 9.99 0.92
C ASP A 371 -12.21 9.08 0.01
N LEU A 372 -10.87 9.19 0.07
CA LEU A 372 -10.01 8.29 -0.70
C LEU A 372 -10.32 6.81 -0.43
N TRP A 373 -10.81 6.49 0.79
CA TRP A 373 -11.09 5.08 1.11
C TRP A 373 -12.12 4.46 0.15
N LEU A 374 -12.98 5.31 -0.49
CA LEU A 374 -13.95 4.76 -1.44
C LEU A 374 -13.23 4.07 -2.60
N ASN A 375 -12.03 4.59 -2.97
CA ASN A 375 -11.18 3.97 -3.98
C ASN A 375 -10.35 2.85 -3.31
N GLU A 376 -9.62 3.17 -2.24
CA GLU A 376 -8.59 2.26 -1.70
C GLU A 376 -9.10 1.12 -0.86
N GLY A 377 -10.11 1.36 -0.02
CA GLY A 377 -10.68 0.28 0.77
C GLY A 377 -11.33 -0.75 -0.13
N PHE A 378 -12.05 -0.27 -1.16
CA PHE A 378 -12.70 -1.15 -2.10
C PHE A 378 -11.68 -1.91 -2.90
N ALA A 379 -10.63 -1.26 -3.44
CA ALA A 379 -9.65 -2.00 -4.25
C ALA A 379 -8.94 -3.07 -3.41
N LYS A 380 -8.59 -2.72 -2.16
CA LYS A 380 -7.94 -3.70 -1.27
C LYS A 380 -8.90 -4.86 -0.98
N PHE A 381 -10.17 -4.54 -0.70
CA PHE A 381 -11.13 -5.63 -0.40
C PHE A 381 -11.34 -6.52 -1.62
N MET A 382 -11.48 -5.90 -2.80
CA MET A 382 -11.73 -6.66 -4.03
C MET A 382 -10.57 -7.58 -4.39
N GLU A 383 -9.35 -7.35 -3.86
CA GLU A 383 -8.24 -8.33 -4.08
C GLU A 383 -8.64 -9.70 -3.53
N PHE A 384 -9.24 -9.68 -2.34
CA PHE A 384 -9.62 -10.93 -1.69
CA PHE A 384 -9.67 -10.89 -1.62
C PHE A 384 -10.85 -11.52 -2.33
N VAL A 385 -11.84 -10.70 -2.69
CA VAL A 385 -13.05 -11.22 -3.33
C VAL A 385 -12.71 -11.89 -4.67
N SER A 386 -11.89 -11.23 -5.49
CA SER A 386 -11.56 -11.76 -6.79
C SER A 386 -10.60 -12.93 -6.75
N VAL A 387 -9.48 -12.80 -6.04
CA VAL A 387 -8.46 -13.85 -6.07
C VAL A 387 -8.96 -15.12 -5.38
N SER A 388 -9.92 -14.99 -4.42
CA SER A 388 -10.54 -16.18 -3.79
C SER A 388 -11.19 -17.07 -4.84
N VAL A 389 -11.72 -16.46 -5.92
CA VAL A 389 -12.39 -17.15 -7.02
C VAL A 389 -11.42 -17.53 -8.13
N THR A 390 -10.58 -16.58 -8.58
CA THR A 390 -9.74 -16.82 -9.74
C THR A 390 -8.55 -17.72 -9.48
N HIS A 391 -7.97 -17.63 -8.28
CA HIS A 391 -6.79 -18.42 -7.95
C HIS A 391 -7.03 -19.12 -6.61
N PRO A 392 -7.97 -20.09 -6.58
CA PRO A 392 -8.30 -20.75 -5.33
C PRO A 392 -7.10 -21.45 -4.67
N GLU A 393 -6.09 -21.86 -5.46
CA GLU A 393 -4.89 -22.50 -4.90
C GLU A 393 -4.13 -21.59 -3.92
N LEU A 394 -4.27 -20.25 -4.05
CA LEU A 394 -3.58 -19.34 -3.13
C LEU A 394 -4.25 -19.22 -1.76
N LYS A 395 -5.52 -19.68 -1.62
CA LYS A 395 -6.30 -19.59 -0.36
C LYS A 395 -6.16 -18.21 0.31
N VAL A 396 -6.25 -17.12 -0.50
CA VAL A 396 -6.01 -15.76 -0.01
C VAL A 396 -6.96 -15.33 1.09
N GLY A 397 -8.18 -15.88 1.10
CA GLY A 397 -9.17 -15.57 2.12
C GLY A 397 -8.69 -15.82 3.54
N ASP A 398 -7.82 -16.83 3.68
CA ASP A 398 -7.24 -17.19 4.96
C ASP A 398 -6.37 -16.06 5.53
N TYR A 399 -5.78 -15.21 4.66
CA TYR A 399 -4.87 -14.13 5.05
C TYR A 399 -5.52 -12.80 5.29
N PHE A 400 -6.76 -12.60 4.84
CA PHE A 400 -7.41 -11.28 4.91
C PHE A 400 -7.39 -10.64 6.27
N PHE A 401 -7.75 -11.39 7.32
CA PHE A 401 -7.81 -10.83 8.66
C PHE A 401 -6.51 -10.15 9.10
N GLY A 402 -5.38 -10.61 8.56
CA GLY A 402 -4.06 -10.05 8.86
C GLY A 402 -4.00 -8.56 8.60
N LYS A 403 -4.68 -8.11 7.53
CA LYS A 403 -4.75 -6.69 7.18
C LYS A 403 -5.51 -5.89 8.27
N CYS A 404 -6.50 -6.52 8.88
CA CYS A 404 -7.28 -5.89 9.93
C CYS A 404 -6.48 -5.73 11.19
N PHE A 405 -5.66 -6.73 11.53
CA PHE A 405 -4.79 -6.59 12.69
C PHE A 405 -3.76 -5.50 12.47
N ASP A 406 -3.27 -5.35 11.21
CA ASP A 406 -2.32 -4.27 10.85
C ASP A 406 -2.99 -2.91 11.11
N ALA A 407 -4.23 -2.73 10.65
CA ALA A 407 -4.93 -1.46 10.84
C ALA A 407 -5.16 -1.20 12.34
N MET A 408 -5.46 -2.23 13.12
CA MET A 408 -5.71 -2.05 14.54
C MET A 408 -4.53 -1.53 15.32
N GLU A 409 -3.30 -1.85 14.87
CA GLU A 409 -2.09 -1.36 15.55
C GLU A 409 -2.06 0.16 15.54
N VAL A 410 -2.27 0.76 14.37
CA VAL A 410 -2.26 2.21 14.24
C VAL A 410 -3.55 2.82 14.82
N ASP A 411 -4.67 2.13 14.63
CA ASP A 411 -5.97 2.67 15.00
C ASP A 411 -6.26 2.66 16.49
N ALA A 412 -5.44 1.97 17.28
CA ALA A 412 -5.58 1.98 18.74
C ALA A 412 -4.97 3.25 19.38
N LEU A 413 -4.27 4.09 18.59
CA LEU A 413 -3.64 5.30 19.12
C LEU A 413 -4.51 6.55 18.91
N GLN A 414 -4.27 7.62 19.69
CA GLN A 414 -4.98 8.91 19.51
C GLN A 414 -4.64 9.58 18.16
N SER A 415 -3.46 9.31 17.63
CA SER A 415 -2.99 9.85 16.35
C SER A 415 -3.60 9.14 15.13
N SER A 416 -4.60 8.26 15.37
CA SER A 416 -5.30 7.67 14.25
C SER A 416 -6.35 8.71 13.82
N HIS A 417 -6.83 8.57 12.62
CA HIS A 417 -7.86 9.45 12.10
C HIS A 417 -9.03 8.61 11.63
N PRO A 418 -10.24 9.20 11.60
CA PRO A 418 -11.37 8.46 11.04
C PRO A 418 -11.12 8.11 9.58
N VAL A 419 -11.77 7.05 9.09
CA VAL A 419 -11.60 6.60 7.68
C VAL A 419 -11.87 7.77 6.71
N SER A 420 -12.90 8.57 7.00
CA SER A 420 -13.20 9.77 6.20
CA SER A 420 -13.24 9.76 6.20
C SER A 420 -12.87 10.95 7.08
N THR A 421 -11.92 11.81 6.63
CA THR A 421 -11.46 12.93 7.45
C THR A 421 -10.99 14.04 6.53
N PRO A 422 -11.12 15.32 6.93
CA PRO A 422 -10.75 16.42 6.02
C PRO A 422 -9.26 16.54 5.75
N VAL A 423 -8.92 16.85 4.48
CA VAL A 423 -7.55 17.12 4.06
C VAL A 423 -7.59 18.25 3.04
N GLU A 424 -6.51 19.03 2.96
CA GLU A 424 -6.49 20.18 2.06
C GLU A 424 -5.26 20.23 1.18
N ASN A 425 -4.07 20.17 1.78
CA ASN A 425 -2.85 20.36 0.99
C ASN A 425 -2.27 19.02 0.50
N PRO A 426 -1.34 19.06 -0.45
CA PRO A 426 -0.81 17.80 -1.01
C PRO A 426 -0.18 16.88 0.01
N ALA A 427 0.54 17.40 1.02
CA ALA A 427 1.14 16.50 2.03
C ALA A 427 0.02 15.77 2.84
N GLN A 428 -1.03 16.50 3.21
CA GLN A 428 -2.15 15.90 3.93
C GLN A 428 -2.88 14.87 3.06
N ILE A 429 -3.01 15.15 1.76
CA ILE A 429 -3.66 14.20 0.86
C ILE A 429 -2.80 12.93 0.74
N ARG A 430 -1.46 13.09 0.62
CA ARG A 430 -0.61 11.91 0.53
C ARG A 430 -0.72 11.04 1.81
N GLU A 431 -0.98 11.68 2.97
CA GLU A 431 -1.14 10.94 4.22
C GLU A 431 -2.38 10.06 4.22
N MET A 432 -3.35 10.30 3.31
CA MET A 432 -4.52 9.43 3.24
C MET A 432 -4.19 8.05 2.64
N PHE A 433 -3.01 7.89 1.99
CA PHE A 433 -2.66 6.57 1.43
C PHE A 433 -1.99 5.78 2.53
N ASP A 434 -2.79 5.35 3.50
CA ASP A 434 -2.27 4.71 4.71
C ASP A 434 -3.07 3.46 5.08
N ASP A 435 -2.72 2.82 6.20
CA ASP A 435 -3.41 1.59 6.59
C ASP A 435 -4.87 1.80 6.97
N VAL A 436 -5.27 3.02 7.32
CA VAL A 436 -6.67 3.29 7.63
C VAL A 436 -7.47 3.25 6.33
N SER A 437 -7.06 3.98 5.28
CA SER A 437 -7.84 3.97 4.03
C SER A 437 -7.87 2.61 3.38
N TYR A 438 -6.70 1.95 3.37
CA TYR A 438 -6.59 0.67 2.69
C TYR A 438 -7.12 -0.52 3.52
N ASP A 439 -6.50 -0.78 4.67
CA ASP A 439 -6.77 -1.97 5.47
C ASP A 439 -7.99 -1.81 6.34
N LYS A 440 -8.13 -0.68 7.10
CA LYS A 440 -9.38 -0.52 7.85
C LYS A 440 -10.55 -0.38 6.86
N GLY A 441 -10.37 0.35 5.75
CA GLY A 441 -11.40 0.45 4.73
C GLY A 441 -11.84 -0.92 4.23
N ALA A 442 -10.87 -1.80 3.91
CA ALA A 442 -11.25 -3.15 3.43
C ALA A 442 -11.93 -3.97 4.53
N CYS A 443 -11.43 -3.82 5.76
CA CYS A 443 -12.00 -4.60 6.87
C CYS A 443 -13.41 -4.22 7.21
N ILE A 444 -13.73 -2.93 7.16
CA ILE A 444 -15.14 -2.53 7.45
C ILE A 444 -16.05 -2.93 6.30
N LEU A 445 -15.53 -2.99 5.05
CA LEU A 445 -16.34 -3.48 3.94
C LEU A 445 -16.57 -4.99 4.09
N ASN A 446 -15.56 -5.74 4.54
CA ASN A 446 -15.75 -7.19 4.80
C ASN A 446 -16.78 -7.41 5.87
N MET A 447 -16.72 -6.59 6.92
CA MET A 447 -17.68 -6.71 8.02
C MET A 447 -19.10 -6.39 7.50
N LEU A 448 -19.22 -5.36 6.64
CA LEU A 448 -20.51 -4.98 6.04
C LEU A 448 -21.05 -6.08 5.09
N ARG A 449 -20.17 -6.69 4.28
CA ARG A 449 -20.58 -7.75 3.37
C ARG A 449 -21.08 -8.95 4.15
N GLU A 450 -20.37 -9.33 5.22
CA GLU A 450 -20.84 -10.46 6.03
C GLU A 450 -22.17 -10.16 6.70
N TYR A 451 -22.37 -8.91 7.10
CA TYR A 451 -23.62 -8.51 7.75
C TYR A 451 -24.79 -8.51 6.78
N LEU A 452 -24.62 -7.89 5.60
CA LEU A 452 -25.70 -7.83 4.62
C LEU A 452 -25.94 -9.11 3.84
N SER A 453 -24.91 -9.93 3.72
CA SER A 453 -24.75 -11.13 2.89
C SER A 453 -24.06 -10.73 1.58
N ALA A 454 -23.24 -11.63 1.05
CA ALA A 454 -22.50 -11.38 -0.18
C ALA A 454 -23.36 -10.94 -1.35
N ASP A 455 -24.52 -11.56 -1.55
CA ASP A 455 -25.38 -11.19 -2.67
C ASP A 455 -26.00 -9.82 -2.53
N ALA A 456 -26.43 -9.47 -1.31
CA ALA A 456 -27.04 -8.13 -1.12
C ALA A 456 -25.93 -7.06 -1.27
N PHE A 457 -24.74 -7.34 -0.75
CA PHE A 457 -23.60 -6.44 -0.89
C PHE A 457 -23.25 -6.26 -2.38
N LYS A 458 -23.18 -7.38 -3.14
CA LYS A 458 -22.89 -7.33 -4.58
C LYS A 458 -23.93 -6.50 -5.32
N SER A 459 -25.22 -6.68 -4.99
CA SER A 459 -26.26 -5.87 -5.65
C SER A 459 -26.07 -4.37 -5.37
N GLY A 460 -25.68 -4.05 -4.14
CA GLY A 460 -25.45 -2.66 -3.75
C GLY A 460 -24.29 -2.05 -4.51
N ILE A 461 -23.19 -2.79 -4.63
CA ILE A 461 -22.04 -2.21 -5.34
C ILE A 461 -22.30 -2.10 -6.84
N VAL A 462 -23.11 -3.00 -7.43
CA VAL A 462 -23.45 -2.88 -8.85
C VAL A 462 -24.30 -1.64 -9.08
N GLN A 463 -25.30 -1.40 -8.22
CA GLN A 463 -26.14 -0.21 -8.35
C GLN A 463 -25.30 1.06 -8.16
N TYR A 464 -24.37 1.03 -7.21
CA TYR A 464 -23.49 2.16 -6.94
C TYR A 464 -22.61 2.47 -8.17
N LEU A 465 -21.98 1.45 -8.74
CA LEU A 465 -21.10 1.67 -9.91
C LEU A 465 -21.90 2.10 -11.12
N GLN A 466 -23.07 1.52 -11.34
CA GLN A 466 -23.90 1.92 -12.48
C GLN A 466 -24.37 3.36 -12.36
N LYS A 467 -24.92 3.72 -11.20
CA LYS A 467 -25.48 5.04 -10.97
C LYS A 467 -24.46 6.15 -11.08
N HIS A 468 -23.26 5.91 -10.55
CA HIS A 468 -22.23 6.94 -10.49
C HIS A 468 -21.14 6.81 -11.54
N SER A 469 -21.37 6.01 -12.58
CA SER A 469 -20.41 5.83 -13.68
C SER A 469 -19.99 7.16 -14.31
N TYR A 470 -18.66 7.36 -14.46
CA TYR A 470 -18.07 8.56 -15.02
C TYR A 470 -18.33 9.80 -14.19
N LYS A 471 -18.64 9.62 -12.88
CA LYS A 471 -18.91 10.71 -11.97
C LYS A 471 -18.14 10.50 -10.66
N ASN A 472 -18.45 11.30 -9.63
CA ASN A 472 -17.75 11.24 -8.37
C ASN A 472 -18.71 11.00 -7.21
N THR A 473 -18.21 10.39 -6.13
CA THR A 473 -19.07 10.06 -5.00
C THR A 473 -18.50 10.51 -3.66
N LYS A 474 -19.36 10.54 -2.65
CA LYS A 474 -18.96 10.75 -1.28
C LYS A 474 -19.52 9.56 -0.48
N ASN A 475 -19.09 9.40 0.78
CA ASN A 475 -19.58 8.29 1.61
C ASN A 475 -21.04 8.02 1.59
N GLU A 476 -21.86 9.07 1.74
CA GLU A 476 -23.29 8.93 1.77
C GLU A 476 -23.86 8.24 0.53
N ASP A 477 -23.22 8.42 -0.64
CA ASP A 477 -23.67 7.79 -1.86
C ASP A 477 -23.56 6.28 -1.75
N LEU A 478 -22.47 5.78 -1.13
CA LEU A 478 -22.31 4.34 -0.96
C LEU A 478 -23.40 3.79 -0.05
N TRP A 479 -23.72 4.51 1.05
CA TRP A 479 -24.77 3.99 1.96
C TRP A 479 -26.11 3.98 1.30
N ASP A 480 -26.41 5.02 0.50
CA ASP A 480 -27.67 5.10 -0.19
C ASP A 480 -27.81 3.95 -1.17
N SER A 481 -26.73 3.61 -1.89
CA SER A 481 -26.79 2.50 -2.82
C SER A 481 -26.98 1.17 -2.11
N MET A 482 -26.25 0.94 -1.01
CA MET A 482 -26.38 -0.29 -0.25
C MET A 482 -27.80 -0.45 0.31
N ALA A 483 -28.43 0.65 0.74
CA ALA A 483 -29.78 0.62 1.29
C ALA A 483 -30.86 0.42 0.23
N SER A 484 -30.56 0.75 -1.03
CA SER A 484 -31.53 0.62 -2.12
C SER A 484 -31.84 -0.84 -2.52
N ILE A 485 -31.20 -1.83 -1.87
CA ILE A 485 -31.39 -3.25 -2.20
C ILE A 485 -32.54 -3.90 -1.42
N GLY A 486 -33.38 -4.66 -2.12
CA GLY A 486 -34.49 -5.35 -1.48
C GLY A 486 -35.66 -4.43 -1.18
N VAL A 490 -32.24 -2.78 4.31
CA VAL A 490 -31.52 -2.61 5.57
C VAL A 490 -30.82 -1.26 5.59
N ASP A 491 -31.07 -0.44 6.64
CA ASP A 491 -30.36 0.83 6.75
C ASP A 491 -28.95 0.52 7.19
N VAL A 492 -28.02 1.05 6.44
CA VAL A 492 -26.58 0.89 6.57
C VAL A 492 -25.92 2.24 6.96
N LYS A 493 -26.59 3.38 6.73
CA LYS A 493 -26.01 4.69 7.02
C LYS A 493 -25.61 4.91 8.46
N THR A 494 -26.54 4.69 9.45
CA THR A 494 -26.17 4.90 10.84
C THR A 494 -25.01 3.99 11.26
N MET A 495 -25.06 2.72 10.87
CA MET A 495 -23.99 1.78 11.20
C MET A 495 -22.67 2.21 10.58
N MET A 496 -22.67 2.46 9.27
CA MET A 496 -21.40 2.72 8.60
C MET A 496 -20.84 4.08 8.90
N ASN A 497 -21.66 5.05 9.33
CA ASN A 497 -21.14 6.31 9.81
C ASN A 497 -20.34 6.07 11.10
N THR A 498 -20.76 5.12 11.96
CA THR A 498 -19.96 4.87 13.17
C THR A 498 -18.56 4.33 12.82
N TRP A 499 -18.44 3.58 11.73
CA TRP A 499 -17.16 3.00 11.35
C TRP A 499 -16.30 3.93 10.48
N THR A 500 -16.89 4.99 9.90
CA THR A 500 -16.13 5.90 9.01
C THR A 500 -15.88 7.28 9.56
N LEU A 501 -16.71 7.73 10.53
CA LEU A 501 -16.58 9.09 11.06
C LEU A 501 -15.96 9.18 12.46
N GLN A 502 -15.68 8.04 13.09
CA GLN A 502 -15.02 7.94 14.41
C GLN A 502 -13.72 7.20 14.22
N ARG A 503 -12.64 7.63 14.87
CA ARG A 503 -11.42 6.85 14.83
C ARG A 503 -11.60 5.59 15.70
N GLY A 504 -10.68 4.64 15.56
CA GLY A 504 -10.61 3.51 16.45
C GLY A 504 -11.64 2.42 16.29
N PHE A 505 -11.69 1.56 17.29
CA PHE A 505 -12.58 0.42 17.23
C PHE A 505 -12.95 0.05 18.66
N PRO A 506 -14.03 -0.73 18.82
CA PRO A 506 -14.42 -1.13 20.17
C PRO A 506 -13.77 -2.40 20.68
N LEU A 507 -13.63 -2.44 22.01
CA LEU A 507 -13.42 -3.63 22.81
C LEU A 507 -14.84 -4.11 23.19
N ILE A 508 -15.17 -5.35 22.84
CA ILE A 508 -16.42 -5.98 23.23
C ILE A 508 -16.11 -6.88 24.43
N THR A 509 -16.78 -6.66 25.57
CA THR A 509 -16.55 -7.50 26.75
C THR A 509 -17.73 -8.44 26.94
N ILE A 510 -17.43 -9.74 27.11
CA ILE A 510 -18.42 -10.81 27.24
C ILE A 510 -18.40 -11.39 28.65
N THR A 511 -19.58 -11.47 29.27
CA THR A 511 -19.68 -12.06 30.60
C THR A 511 -20.78 -13.13 30.54
N VAL A 512 -20.45 -14.39 30.85
CA VAL A 512 -21.40 -15.49 30.75
C VAL A 512 -21.78 -16.02 32.09
N ARG A 513 -23.07 -16.07 32.39
CA ARG A 513 -23.57 -16.61 33.66
C ARG A 513 -24.65 -17.60 33.29
N GLY A 514 -24.29 -18.89 33.18
CA GLY A 514 -25.25 -19.89 32.72
C GLY A 514 -25.61 -19.62 31.27
N ARG A 515 -26.91 -19.50 30.97
CA ARG A 515 -27.35 -19.19 29.61
C ARG A 515 -27.29 -17.68 29.30
N ASN A 516 -27.02 -16.82 30.30
CA ASN A 516 -27.05 -15.38 30.10
C ASN A 516 -25.72 -14.87 29.57
N VAL A 517 -25.73 -14.25 28.38
CA VAL A 517 -24.53 -13.69 27.77
C VAL A 517 -24.68 -12.18 27.74
N HIS A 518 -23.91 -11.50 28.58
CA HIS A 518 -23.92 -10.06 28.67
C HIS A 518 -22.83 -9.50 27.75
N MET A 519 -23.17 -8.46 26.97
CA MET A 519 -22.25 -7.82 26.03
C MET A 519 -22.12 -6.36 26.35
N LYS A 520 -20.89 -5.84 26.27
CA LYS A 520 -20.65 -4.42 26.49
C LYS A 520 -19.66 -3.94 25.44
N GLN A 521 -19.75 -2.69 25.00
CA GLN A 521 -18.73 -2.12 24.10
C GLN A 521 -18.14 -0.87 24.72
N GLU A 522 -16.86 -0.63 24.44
CA GLU A 522 -16.16 0.60 24.83
C GLU A 522 -15.05 0.85 23.84
N HIS A 523 -14.65 2.11 23.66
CA HIS A 523 -13.54 2.40 22.73
C HIS A 523 -12.24 1.77 23.27
N TYR A 524 -11.55 0.98 22.42
CA TYR A 524 -10.26 0.40 22.79
C TYR A 524 -9.20 1.47 22.52
N MET A 525 -8.45 1.88 23.56
CA MET A 525 -7.38 2.85 23.35
CA MET A 525 -7.40 2.89 23.38
C MET A 525 -6.16 2.60 24.22
N LYS A 526 -4.99 2.70 23.60
CA LYS A 526 -3.74 2.52 24.33
C LYS A 526 -3.38 3.89 24.92
N GLY A 527 -2.88 3.89 26.15
CA GLY A 527 -2.52 5.14 26.83
C GLY A 527 -3.35 5.40 28.07
N GLY A 535 -16.86 8.19 25.00
CA GLY A 535 -18.26 8.24 24.60
C GLY A 535 -18.56 7.51 23.30
N TYR A 536 -17.53 7.11 22.54
CA TYR A 536 -17.63 6.41 21.25
C TYR A 536 -18.63 5.28 21.29
N LEU A 537 -19.40 5.09 20.22
CA LEU A 537 -20.38 4.00 20.16
C LEU A 537 -20.47 3.54 18.73
N TRP A 538 -20.49 2.23 18.51
CA TRP A 538 -20.60 1.68 17.18
C TRP A 538 -21.80 0.76 17.04
N HIS A 539 -22.23 0.52 15.81
CA HIS A 539 -23.20 -0.54 15.53
C HIS A 539 -22.33 -1.72 15.14
N VAL A 540 -22.19 -2.68 16.06
CA VAL A 540 -21.25 -3.79 15.85
C VAL A 540 -21.96 -5.07 15.46
N PRO A 541 -21.75 -5.58 14.24
CA PRO A 541 -22.36 -6.85 13.87
C PRO A 541 -21.56 -7.99 14.50
N LEU A 542 -21.97 -8.41 15.69
CA LEU A 542 -21.26 -9.48 16.38
C LEU A 542 -21.56 -10.84 15.78
N THR A 543 -20.59 -11.75 15.89
CA THR A 543 -20.80 -13.13 15.53
C THR A 543 -20.20 -14.01 16.64
N PHE A 544 -20.73 -15.22 16.79
CA PHE A 544 -20.16 -16.15 17.76
C PHE A 544 -20.46 -17.58 17.42
N ILE A 545 -19.65 -18.47 17.95
CA ILE A 545 -19.85 -19.92 17.96
C ILE A 545 -19.70 -20.37 19.42
N THR A 546 -20.15 -21.58 19.73
CA THR A 546 -20.02 -22.10 21.08
C THR A 546 -19.61 -23.59 21.05
N SER A 547 -19.34 -24.17 22.25
CA SER A 547 -19.06 -25.60 22.34
C SER A 547 -20.21 -26.46 21.85
N LYS A 548 -21.44 -25.92 21.81
CA LYS A 548 -22.59 -26.71 21.36
C LYS A 548 -23.04 -26.39 19.95
N SER A 549 -22.52 -25.33 19.33
CA SER A 549 -22.98 -24.94 18.00
C SER A 549 -21.88 -24.28 17.20
N ASP A 550 -21.50 -24.87 16.06
CA ASP A 550 -20.53 -24.24 15.19
C ASP A 550 -21.20 -23.44 14.05
N MET A 551 -22.56 -23.26 14.10
CA MET A 551 -23.19 -22.34 13.18
C MET A 551 -22.75 -20.91 13.60
N VAL A 552 -22.54 -20.01 12.64
CA VAL A 552 -22.18 -18.63 12.97
C VAL A 552 -23.43 -17.89 13.42
N HIS A 553 -23.51 -17.59 14.71
CA HIS A 553 -24.62 -16.84 15.28
C HIS A 553 -24.37 -15.36 15.15
N ARG A 554 -25.43 -14.60 14.92
CA ARG A 554 -25.29 -13.18 14.68
C ARG A 554 -26.07 -12.38 15.71
N PHE A 555 -25.50 -11.25 16.13
CA PHE A 555 -26.19 -10.36 17.06
C PHE A 555 -25.70 -8.95 16.78
N LEU A 556 -26.60 -8.03 16.47
CA LEU A 556 -26.21 -6.64 16.22
C LEU A 556 -26.23 -5.82 17.50
N LEU A 557 -25.06 -5.42 17.97
CA LEU A 557 -24.95 -4.62 19.18
C LEU A 557 -24.92 -3.16 18.77
N LYS A 558 -26.00 -2.44 19.00
CA LYS A 558 -26.07 -1.02 18.62
C LYS A 558 -25.93 -0.08 19.79
N THR A 559 -25.80 -0.62 21.00
CA THR A 559 -25.86 0.15 22.22
C THR A 559 -24.69 -0.18 23.14
N LYS A 560 -24.54 0.57 24.25
CA LYS A 560 -23.44 0.32 25.18
C LYS A 560 -23.43 -1.10 25.71
N THR A 561 -24.62 -1.64 26.04
CA THR A 561 -24.72 -3.01 26.52
C THR A 561 -25.94 -3.70 25.90
N ASP A 562 -25.96 -5.02 25.97
CA ASP A 562 -27.12 -5.83 25.59
C ASP A 562 -26.95 -7.21 26.22
N VAL A 563 -27.95 -8.04 26.01
CA VAL A 563 -27.92 -9.39 26.55
C VAL A 563 -28.56 -10.34 25.55
N LEU A 564 -28.05 -11.57 25.51
CA LEU A 564 -28.72 -12.63 24.77
C LEU A 564 -28.75 -13.85 25.66
N ILE A 565 -29.75 -14.72 25.45
CA ILE A 565 -29.89 -15.94 26.24
C ILE A 565 -29.62 -17.13 25.35
N LEU A 566 -28.59 -17.92 25.65
CA LEU A 566 -28.28 -19.11 24.88
C LEU A 566 -29.40 -20.13 25.09
N PRO A 567 -29.63 -21.02 24.12
CA PRO A 567 -30.69 -22.03 24.31
C PRO A 567 -30.39 -23.01 25.42
N GLU A 568 -29.11 -23.29 25.64
CA GLU A 568 -28.59 -24.22 26.65
C GLU A 568 -27.22 -23.73 27.08
N GLU A 569 -26.81 -24.11 28.30
CA GLU A 569 -25.46 -23.74 28.77
C GLU A 569 -24.37 -24.36 27.90
N VAL A 570 -23.24 -23.65 27.77
CA VAL A 570 -22.11 -24.10 26.96
C VAL A 570 -20.82 -24.16 27.80
N GLU A 571 -19.81 -24.86 27.30
CA GLU A 571 -18.50 -24.97 27.95
C GLU A 571 -17.61 -23.76 27.59
N TRP A 572 -17.83 -23.16 26.41
CA TRP A 572 -17.10 -21.99 25.94
C TRP A 572 -17.91 -21.31 24.85
N ILE A 573 -17.61 -20.03 24.64
CA ILE A 573 -18.22 -19.21 23.59
C ILE A 573 -17.09 -18.37 23.00
N LYS A 574 -17.11 -18.22 21.67
CA LYS A 574 -16.03 -17.48 21.01
C LYS A 574 -16.65 -16.51 20.06
N PHE A 575 -16.44 -15.21 20.31
CA PHE A 575 -16.98 -14.12 19.48
C PHE A 575 -15.99 -13.72 18.38
N ASN A 576 -16.52 -13.11 17.31
CA ASN A 576 -15.76 -12.63 16.17
C ASN A 576 -15.21 -13.79 15.37
N VAL A 577 -16.15 -14.50 14.74
CA VAL A 577 -15.84 -15.75 14.07
C VAL A 577 -15.08 -15.50 12.79
N GLY A 578 -13.90 -16.10 12.71
CA GLY A 578 -13.03 -15.91 11.56
C GLY A 578 -12.38 -14.54 11.54
N MET A 579 -12.55 -13.74 12.60
CA MET A 579 -12.02 -12.38 12.65
C MET A 579 -12.56 -11.54 11.49
N ASN A 580 -13.84 -11.71 11.19
CA ASN A 580 -14.49 -10.92 10.15
C ASN A 580 -15.01 -9.55 10.64
N GLY A 581 -14.92 -9.29 11.94
CA GLY A 581 -15.34 -8.03 12.52
C GLY A 581 -14.17 -7.17 12.97
N TYR A 582 -14.31 -5.85 12.82
CA TYR A 582 -13.26 -4.92 13.19
C TYR A 582 -13.41 -4.51 14.65
N TYR A 583 -13.16 -5.47 15.54
CA TYR A 583 -13.26 -5.25 16.97
C TYR A 583 -12.49 -6.35 17.69
N ILE A 584 -12.18 -6.10 18.95
CA ILE A 584 -11.52 -7.11 19.75
C ILE A 584 -12.43 -7.55 20.89
N VAL A 585 -12.17 -8.73 21.44
CA VAL A 585 -13.04 -9.30 22.47
C VAL A 585 -12.29 -9.65 23.72
N HIS A 586 -12.87 -9.27 24.86
CA HIS A 586 -12.41 -9.66 26.19
C HIS A 586 -13.48 -10.53 26.84
N TYR A 587 -13.05 -11.52 27.62
CA TYR A 587 -13.98 -12.41 28.31
C TYR A 587 -13.73 -12.26 29.79
N GLU A 588 -14.79 -11.95 30.56
CA GLU A 588 -14.61 -11.81 32.00
C GLU A 588 -14.58 -13.17 32.72
N ASP A 589 -14.25 -13.14 34.01
CA ASP A 589 -14.30 -14.31 34.88
C ASP A 589 -13.37 -15.45 34.38
N ASP A 590 -13.87 -16.69 34.25
CA ASP A 590 -13.03 -17.78 33.76
C ASP A 590 -12.93 -17.86 32.24
N GLY A 591 -13.39 -16.84 31.52
CA GLY A 591 -13.42 -16.87 30.07
C GLY A 591 -12.08 -17.15 29.40
N TRP A 592 -11.05 -16.38 29.77
CA TRP A 592 -9.74 -16.59 29.18
C TRP A 592 -9.14 -17.93 29.58
N ASP A 593 -9.48 -18.45 30.78
CA ASP A 593 -8.99 -19.79 31.17
C ASP A 593 -9.67 -20.85 30.32
N SER A 594 -10.97 -20.69 30.03
CA SER A 594 -11.69 -21.64 29.20
C SER A 594 -11.12 -21.68 27.80
N LEU A 595 -10.85 -20.49 27.22
CA LEU A 595 -10.32 -20.44 25.86
C LEU A 595 -8.86 -20.88 25.79
N THR A 596 -8.08 -20.60 26.83
CA THR A 596 -6.70 -21.11 26.92
C THR A 596 -6.74 -22.66 26.98
N GLY A 597 -7.66 -23.21 27.76
CA GLY A 597 -7.80 -24.67 27.88
C GLY A 597 -8.24 -25.30 26.57
N LEU A 598 -9.12 -24.61 25.85
CA LEU A 598 -9.57 -25.08 24.55
C LEU A 598 -8.40 -25.16 23.56
N LEU A 599 -7.54 -24.12 23.52
CA LEU A 599 -6.39 -24.13 22.61
C LEU A 599 -5.38 -25.20 23.01
N LYS A 600 -5.22 -25.44 24.32
CA LYS A 600 -4.24 -26.40 24.80
C LYS A 600 -4.66 -27.85 24.63
N GLY A 601 -5.95 -28.12 24.70
CA GLY A 601 -6.43 -29.50 24.62
C GLY A 601 -7.05 -29.95 23.32
N THR A 602 -7.81 -29.08 22.66
CA THR A 602 -8.46 -29.43 21.41
C THR A 602 -8.42 -28.18 20.54
N HIS A 603 -7.21 -27.75 20.11
CA HIS A 603 -7.13 -26.49 19.35
C HIS A 603 -7.89 -26.50 18.04
N THR A 604 -8.10 -27.69 17.43
CA THR A 604 -8.88 -27.74 16.19
C THR A 604 -10.41 -27.55 16.45
N ALA A 605 -10.82 -27.32 17.71
CA ALA A 605 -12.23 -27.03 18.00
C ALA A 605 -12.68 -25.74 17.32
N VAL A 606 -11.73 -24.81 17.05
CA VAL A 606 -12.01 -23.58 16.33
C VAL A 606 -11.04 -23.48 15.15
N SER A 607 -11.40 -22.68 14.15
CA SER A 607 -10.59 -22.55 12.95
C SER A 607 -9.24 -21.91 13.19
N SER A 608 -8.35 -22.06 12.21
CA SER A 608 -7.02 -21.46 12.29
CA SER A 608 -7.01 -21.47 12.31
CA SER A 608 -7.02 -21.47 12.24
C SER A 608 -7.09 -19.95 12.49
N ASN A 609 -8.04 -19.28 11.79
CA ASN A 609 -8.18 -17.85 11.96
C ASN A 609 -8.75 -17.47 13.30
N ASP A 610 -9.61 -18.32 13.88
CA ASP A 610 -10.12 -18.08 15.21
C ASP A 610 -8.99 -18.22 16.25
N ARG A 611 -8.08 -19.18 16.05
CA ARG A 611 -6.92 -19.30 16.97
C ARG A 611 -6.03 -18.07 16.84
N ALA A 612 -5.80 -17.58 15.61
CA ALA A 612 -4.97 -16.37 15.44
C ALA A 612 -5.63 -15.17 16.12
N SER A 613 -6.98 -15.06 16.03
CA SER A 613 -7.67 -13.93 16.66
C SER A 613 -7.52 -13.96 18.21
N LEU A 614 -7.53 -15.17 18.83
CA LEU A 614 -7.38 -15.27 20.27
C LEU A 614 -5.97 -14.88 20.68
N ILE A 615 -4.95 -15.29 19.91
CA ILE A 615 -3.57 -14.89 20.22
C ILE A 615 -3.43 -13.36 20.15
N ASN A 616 -3.91 -12.73 19.05
CA ASN A 616 -3.80 -11.29 18.92
C ASN A 616 -4.53 -10.58 20.04
N ASN A 617 -5.78 -10.99 20.29
CA ASN A 617 -6.57 -10.25 21.26
C ASN A 617 -6.02 -10.40 22.66
N ALA A 618 -5.50 -11.58 23.02
CA ALA A 618 -4.94 -11.76 24.37
C ALA A 618 -3.80 -10.73 24.61
N PHE A 619 -2.88 -10.62 23.63
CA PHE A 619 -1.76 -9.67 23.79
C PHE A 619 -2.24 -8.19 23.73
N GLN A 620 -3.25 -7.87 22.89
N GLN A 620 -3.24 -7.88 22.91
CA GLN A 620 -3.81 -6.50 22.86
CA GLN A 620 -3.80 -6.52 22.89
C GLN A 620 -4.41 -6.15 24.24
C GLN A 620 -4.44 -6.15 24.23
N LEU A 621 -5.00 -7.14 24.94
CA LEU A 621 -5.61 -6.88 26.26
C LEU A 621 -4.58 -6.64 27.36
N VAL A 622 -3.35 -7.15 27.18
CA VAL A 622 -2.27 -6.87 28.12
C VAL A 622 -1.98 -5.37 28.10
N SER A 623 -1.97 -4.77 26.89
CA SER A 623 -1.64 -3.38 26.72
C SER A 623 -2.57 -2.44 27.46
N ILE A 624 -3.85 -2.84 27.68
CA ILE A 624 -4.80 -2.00 28.40
C ILE A 624 -5.16 -2.53 29.81
N GLY A 625 -4.37 -3.46 30.33
CA GLY A 625 -4.55 -3.97 31.69
C GLY A 625 -5.73 -4.89 31.93
N LYS A 626 -6.28 -5.49 30.86
CA LYS A 626 -7.42 -6.40 31.02
C LYS A 626 -7.01 -7.87 31.20
N LEU A 627 -5.78 -8.22 30.77
CA LEU A 627 -5.24 -9.57 30.90
C LEU A 627 -3.77 -9.42 31.26
N SER A 628 -3.24 -10.21 32.19
CA SER A 628 -1.82 -10.05 32.56
C SER A 628 -0.92 -10.59 31.45
N ILE A 629 0.32 -10.08 31.37
CA ILE A 629 1.27 -10.61 30.38
C ILE A 629 1.51 -12.11 30.60
N GLU A 630 1.47 -12.57 31.89
CA GLU A 630 1.69 -13.97 32.18
C GLU A 630 0.58 -14.82 31.58
N LYS A 631 -0.69 -14.38 31.69
CA LYS A 631 -1.79 -15.17 31.14
C LYS A 631 -1.76 -15.22 29.59
N ALA A 632 -1.31 -14.11 28.93
CA ALA A 632 -1.19 -14.12 27.48
C ALA A 632 -0.03 -15.03 27.06
N LEU A 633 1.11 -14.97 27.77
CA LEU A 633 2.24 -15.87 27.46
C LEU A 633 1.83 -17.33 27.72
N ASP A 634 1.07 -17.60 28.80
CA ASP A 634 0.58 -18.96 29.07
C ASP A 634 -0.29 -19.44 27.91
N LEU A 635 -1.12 -18.55 27.34
CA LEU A 635 -1.96 -18.93 26.21
C LEU A 635 -1.06 -19.29 25.01
N SER A 636 0.00 -18.50 24.77
CA SER A 636 0.90 -18.71 23.62
C SER A 636 1.63 -20.07 23.67
N LEU A 637 1.71 -20.70 24.86
CA LEU A 637 2.34 -22.02 24.97
C LEU A 637 1.64 -23.08 24.14
N TYR A 638 0.33 -22.90 23.80
CA TYR A 638 -0.35 -23.88 22.95
C TYR A 638 0.35 -24.01 21.56
N LEU A 639 1.08 -22.95 21.13
CA LEU A 639 1.73 -22.94 19.81
C LEU A 639 2.72 -24.06 19.61
N LYS A 640 3.17 -24.74 20.68
CA LYS A 640 4.05 -25.89 20.49
C LYS A 640 3.40 -26.99 19.64
N HIS A 641 2.06 -27.02 19.57
CA HIS A 641 1.35 -28.01 18.74
C HIS A 641 0.61 -27.39 17.54
N GLU A 642 0.85 -26.10 17.26
CA GLU A 642 0.21 -25.43 16.13
C GLU A 642 0.91 -25.80 14.83
N THR A 643 0.13 -25.97 13.76
CA THR A 643 0.67 -26.33 12.46
C THR A 643 0.40 -25.30 11.38
N GLU A 644 -0.59 -24.40 11.58
CA GLU A 644 -1.08 -23.52 10.52
C GLU A 644 -0.42 -22.16 10.49
N ILE A 645 -0.18 -21.68 9.28
CA ILE A 645 0.55 -20.43 9.09
C ILE A 645 -0.03 -19.22 9.82
N MET A 646 -1.37 -19.00 9.77
CA MET A 646 -1.92 -17.79 10.34
C MET A 646 -1.73 -17.71 11.85
N PRO A 647 -2.07 -18.73 12.65
CA PRO A 647 -1.81 -18.61 14.09
C PRO A 647 -0.30 -18.59 14.41
N VAL A 648 0.56 -19.33 13.67
CA VAL A 648 2.01 -19.26 13.93
C VAL A 648 2.49 -17.84 13.67
N PHE A 649 2.11 -17.27 12.51
CA PHE A 649 2.54 -15.92 12.20
C PHE A 649 1.97 -14.89 13.16
N GLN A 650 0.74 -15.11 13.67
CA GLN A 650 0.18 -14.16 14.64
C GLN A 650 0.92 -14.26 15.96
N GLY A 651 1.35 -15.46 16.34
CA GLY A 651 2.19 -15.62 17.53
C GLY A 651 3.50 -14.86 17.36
N LEU A 652 4.12 -14.98 16.17
CA LEU A 652 5.34 -14.21 15.89
C LEU A 652 5.06 -12.70 15.92
N ASN A 653 3.91 -12.26 15.38
N ASN A 653 3.92 -12.28 15.39
CA ASN A 653 3.57 -10.83 15.36
CA ASN A 653 3.56 -10.88 15.35
C ASN A 653 3.46 -10.26 16.77
C ASN A 653 3.46 -10.27 16.76
N GLU A 654 3.08 -11.08 17.76
CA GLU A 654 2.95 -10.59 19.12
C GLU A 654 4.25 -10.73 19.90
N LEU A 655 4.99 -11.82 19.67
CA LEU A 655 6.20 -12.11 20.47
C LEU A 655 7.46 -11.45 19.93
N ILE A 656 7.64 -11.44 18.60
CA ILE A 656 8.87 -10.86 18.04
C ILE A 656 9.09 -9.39 18.50
N PRO A 657 8.07 -8.53 18.46
CA PRO A 657 8.29 -7.13 18.86
C PRO A 657 8.80 -6.99 20.29
N MET A 658 8.49 -7.96 21.17
CA MET A 658 8.98 -7.87 22.55
C MET A 658 10.52 -7.93 22.56
N TYR A 659 11.12 -8.88 21.79
CA TYR A 659 12.58 -8.93 21.80
C TYR A 659 13.16 -7.80 20.94
N LYS A 660 12.43 -7.26 19.95
CA LYS A 660 12.97 -6.12 19.18
C LYS A 660 13.12 -4.90 20.11
N LEU A 661 12.22 -4.76 21.10
CA LEU A 661 12.37 -3.68 22.08
C LEU A 661 13.61 -3.98 22.95
N MET A 662 13.75 -5.23 23.40
CA MET A 662 14.88 -5.59 24.27
C MET A 662 16.21 -5.40 23.57
N GLU A 663 16.29 -5.63 22.26
CA GLU A 663 17.56 -5.50 21.51
C GLU A 663 18.14 -4.10 21.60
N LYS A 664 17.28 -3.10 21.82
CA LYS A 664 17.70 -1.70 21.88
C LYS A 664 17.82 -1.19 23.33
N ARG A 665 17.88 -2.11 24.30
CA ARG A 665 17.96 -1.80 25.72
C ARG A 665 19.13 -2.61 26.33
N ASP A 666 19.48 -2.31 27.59
CA ASP A 666 20.52 -3.03 28.30
C ASP A 666 19.83 -4.26 28.94
N MET A 667 19.44 -5.23 28.10
CA MET A 667 18.64 -6.38 28.55
C MET A 667 19.13 -7.70 27.93
N ASN A 668 20.43 -7.84 27.75
N ASN A 668 20.44 -7.87 27.72
CA ASN A 668 21.00 -9.02 27.10
CA ASN A 668 20.96 -9.06 27.03
C ASN A 668 20.48 -10.38 27.64
C ASN A 668 20.50 -10.40 27.62
N GLU A 669 20.49 -10.53 28.96
CA GLU A 669 20.11 -11.78 29.59
C GLU A 669 18.65 -12.20 29.28
N VAL A 670 17.71 -11.28 29.50
CA VAL A 670 16.30 -11.56 29.23
C VAL A 670 16.07 -11.68 27.72
N GLU A 671 16.76 -10.87 26.91
CA GLU A 671 16.65 -10.96 25.45
C GLU A 671 17.05 -12.38 24.98
N THR A 672 18.19 -12.90 25.47
CA THR A 672 18.65 -14.22 25.08
C THR A 672 17.66 -15.29 25.53
N GLN A 673 17.16 -15.20 26.76
CA GLN A 673 16.21 -16.18 27.30
C GLN A 673 14.89 -16.13 26.52
N PHE A 674 14.44 -14.91 26.14
CA PHE A 674 13.19 -14.78 25.41
C PHE A 674 13.32 -15.41 24.01
N LYS A 675 14.44 -15.16 23.33
CA LYS A 675 14.69 -15.76 22.02
C LYS A 675 14.78 -17.28 22.12
N ALA A 676 15.44 -17.80 23.16
CA ALA A 676 15.52 -19.25 23.35
C ALA A 676 14.13 -19.84 23.59
N PHE A 677 13.27 -19.13 24.35
CA PHE A 677 11.89 -19.57 24.59
C PHE A 677 11.12 -19.65 23.24
N LEU A 678 11.27 -18.64 22.38
CA LEU A 678 10.58 -18.62 21.10
C LEU A 678 10.99 -19.80 20.22
N ILE A 679 12.30 -20.07 20.14
CA ILE A 679 12.78 -21.18 19.33
C ILE A 679 12.31 -22.50 19.94
N ARG A 680 12.32 -22.62 21.28
CA ARG A 680 11.87 -23.85 21.93
C ARG A 680 10.37 -24.10 21.64
N LEU A 681 9.59 -23.01 21.65
CA LEU A 681 8.16 -23.05 21.39
C LEU A 681 7.85 -23.62 20.01
N LEU A 682 8.59 -23.19 19.00
CA LEU A 682 8.34 -23.63 17.62
C LEU A 682 9.34 -24.70 17.16
N ARG A 683 10.16 -25.26 18.07
CA ARG A 683 11.19 -26.23 17.67
C ARG A 683 10.67 -27.42 16.88
N ASP A 684 9.59 -28.06 17.34
CA ASP A 684 9.08 -29.25 16.65
C ASP A 684 8.64 -28.92 15.22
N LEU A 685 7.98 -27.77 15.03
CA LEU A 685 7.57 -27.34 13.70
C LEU A 685 8.79 -26.97 12.83
N ILE A 686 9.79 -26.31 13.43
CA ILE A 686 11.03 -26.00 12.70
C ILE A 686 11.71 -27.31 12.23
N ASP A 687 11.83 -28.29 13.16
CA ASP A 687 12.50 -29.56 12.86
C ASP A 687 11.78 -30.35 11.77
N LYS A 688 10.46 -30.19 11.65
CA LYS A 688 9.69 -30.89 10.63
C LYS A 688 9.86 -30.33 9.23
N GLN A 689 10.40 -29.09 9.08
CA GLN A 689 10.50 -28.49 7.76
C GLN A 689 11.49 -29.17 6.87
N THR A 690 11.09 -29.42 5.63
CA THR A 690 12.01 -29.95 4.63
C THR A 690 12.70 -28.75 3.97
N TRP A 691 13.89 -28.96 3.45
CA TRP A 691 14.65 -27.90 2.78
C TRP A 691 14.41 -28.03 1.29
N THR A 692 13.17 -27.75 0.90
CA THR A 692 12.67 -27.93 -0.46
C THR A 692 11.67 -26.78 -0.81
N ASP A 693 11.09 -26.80 -2.03
CA ASP A 693 10.02 -25.90 -2.44
C ASP A 693 8.69 -26.63 -2.54
N GLU A 694 8.53 -27.75 -1.77
CA GLU A 694 7.32 -28.56 -1.80
C GLU A 694 6.14 -27.92 -1.11
N GLY A 695 4.95 -28.35 -1.51
CA GLY A 695 3.71 -27.95 -0.87
C GLY A 695 2.95 -26.76 -1.40
N SER A 696 1.91 -26.42 -0.66
CA SER A 696 1.04 -25.29 -0.96
C SER A 696 1.78 -23.97 -0.72
N VAL A 697 1.20 -22.84 -1.19
CA VAL A 697 1.80 -21.52 -0.96
C VAL A 697 1.95 -21.26 0.56
N SER A 698 0.96 -21.67 1.37
CA SER A 698 1.04 -21.49 2.82
CA SER A 698 1.05 -21.49 2.82
C SER A 698 2.17 -22.32 3.41
N GLU A 699 2.31 -23.56 2.94
CA GLU A 699 3.37 -24.42 3.46
C GLU A 699 4.76 -23.86 3.09
N ARG A 700 4.89 -23.32 1.87
CA ARG A 700 6.15 -22.72 1.42
C ARG A 700 6.49 -21.46 2.22
N MET A 701 5.49 -20.58 2.45
CA MET A 701 5.74 -19.36 3.21
C MET A 701 6.09 -19.65 4.66
N LEU A 702 5.42 -20.62 5.25
CA LEU A 702 5.70 -21.03 6.63
C LEU A 702 7.11 -21.59 6.73
N ARG A 703 7.48 -22.47 5.80
CA ARG A 703 8.83 -23.04 5.76
C ARG A 703 9.91 -21.96 5.71
N SER A 704 9.77 -21.01 4.80
CA SER A 704 10.78 -19.99 4.59
C SER A 704 11.01 -19.15 5.83
N GLN A 705 9.92 -18.72 6.46
CA GLN A 705 10.06 -17.88 7.65
C GLN A 705 10.57 -18.63 8.85
N LEU A 706 10.16 -19.89 9.03
CA LEU A 706 10.64 -20.69 10.16
C LEU A 706 12.11 -20.95 10.04
N LEU A 707 12.58 -21.29 8.84
CA LEU A 707 14.02 -21.57 8.68
C LEU A 707 14.83 -20.29 8.87
N LEU A 708 14.33 -19.16 8.36
CA LEU A 708 15.01 -17.88 8.56
C LEU A 708 15.07 -17.50 10.05
N LEU A 709 13.95 -17.66 10.76
CA LEU A 709 13.88 -17.34 12.17
C LEU A 709 14.86 -18.22 12.96
N ALA A 710 14.88 -19.52 12.66
CA ALA A 710 15.76 -20.46 13.36
C ALA A 710 17.23 -20.10 13.14
N CYS A 711 17.57 -19.74 11.91
CA CYS A 711 18.97 -19.41 11.58
C CYS A 711 19.39 -18.11 12.23
N VAL A 712 18.54 -17.08 12.18
CA VAL A 712 18.84 -15.80 12.79
C VAL A 712 19.11 -15.94 14.30
N HIS A 713 18.38 -16.83 14.96
CA HIS A 713 18.53 -17.00 16.40
C HIS A 713 19.52 -18.10 16.79
N ASN A 714 20.41 -18.46 15.86
CA ASN A 714 21.50 -19.43 16.07
CA ASN A 714 21.49 -19.42 16.10
C ASN A 714 21.04 -20.84 16.49
N TYR A 715 19.95 -21.34 15.90
CA TYR A 715 19.49 -22.70 16.19
C TYR A 715 20.45 -23.55 15.35
N GLN A 716 21.44 -24.16 16.01
CA GLN A 716 22.52 -24.89 15.35
C GLN A 716 22.11 -25.90 14.25
N PRO A 717 21.07 -26.76 14.39
CA PRO A 717 20.74 -27.66 13.26
C PRO A 717 20.41 -26.92 11.97
N CYS A 718 19.74 -25.77 12.08
CA CYS A 718 19.40 -25.02 10.89
C CYS A 718 20.61 -24.22 10.39
N VAL A 719 21.40 -23.65 11.31
CA VAL A 719 22.61 -22.90 10.90
C VAL A 719 23.58 -23.79 10.13
N GLN A 720 23.84 -25.00 10.65
CA GLN A 720 24.76 -25.93 9.99
C GLN A 720 24.31 -26.31 8.59
N ARG A 721 23.00 -26.56 8.40
CA ARG A 721 22.46 -26.92 7.10
C ARG A 721 22.55 -25.73 6.12
N ALA A 722 22.30 -24.51 6.63
CA ALA A 722 22.35 -23.31 5.79
C ALA A 722 23.80 -23.04 5.34
N GLU A 723 24.75 -23.23 6.25
CA GLU A 723 26.18 -23.06 5.99
C GLU A 723 26.63 -23.99 4.87
N GLY A 724 26.15 -25.24 4.90
CA GLY A 724 26.47 -26.23 3.89
C GLY A 724 25.93 -25.88 2.53
N TYR A 725 24.67 -25.40 2.47
CA TYR A 725 24.08 -24.99 1.20
C TYR A 725 24.82 -23.78 0.67
N PHE A 726 25.16 -22.81 1.55
CA PHE A 726 25.85 -21.59 1.09
C PHE A 726 27.22 -21.94 0.54
N ARG A 727 27.96 -22.83 1.24
CA ARG A 727 29.29 -23.25 0.81
C ARG A 727 29.25 -23.91 -0.57
N LYS A 728 28.32 -24.84 -0.79
CA LYS A 728 28.19 -25.51 -2.09
C LYS A 728 27.70 -24.58 -3.18
N TRP A 729 26.82 -23.63 -2.83
CA TRP A 729 26.33 -22.66 -3.79
C TRP A 729 27.48 -21.73 -4.21
N LYS A 730 28.29 -21.27 -3.24
CA LYS A 730 29.42 -20.38 -3.50
C LYS A 730 30.51 -21.09 -4.31
N GLU A 731 30.85 -22.33 -3.91
CA GLU A 731 31.87 -23.13 -4.59
C GLU A 731 31.50 -23.44 -6.05
N SER A 732 30.21 -23.47 -6.37
CA SER A 732 29.74 -23.69 -7.74
C SER A 732 29.59 -22.37 -8.50
N ASN A 733 30.18 -21.26 -8.00
CA ASN A 733 30.13 -19.90 -8.53
C ASN A 733 28.70 -19.36 -8.63
N GLY A 734 27.85 -19.73 -7.69
CA GLY A 734 26.47 -19.27 -7.67
C GLY A 734 25.60 -19.76 -8.81
N GLN A 735 26.07 -20.78 -9.55
CA GLN A 735 25.31 -21.32 -10.68
C GLN A 735 24.20 -22.24 -10.18
N LEU A 736 24.52 -23.06 -9.15
CA LEU A 736 23.62 -24.02 -8.51
C LEU A 736 22.27 -23.41 -8.10
N SER A 737 21.16 -24.07 -8.46
CA SER A 737 19.84 -23.59 -8.08
C SER A 737 19.51 -24.11 -6.70
N LEU A 738 19.36 -23.21 -5.74
CA LEU A 738 18.99 -23.58 -4.38
C LEU A 738 17.46 -23.58 -4.33
N PRO A 739 16.83 -24.32 -3.39
CA PRO A 739 15.37 -24.17 -3.22
C PRO A 739 15.09 -22.72 -2.82
N VAL A 740 14.16 -22.06 -3.51
CA VAL A 740 13.82 -20.66 -3.21
C VAL A 740 13.40 -20.49 -1.75
N ASP A 741 12.72 -21.49 -1.19
CA ASP A 741 12.19 -21.37 0.18
C ASP A 741 13.23 -21.39 1.28
N VAL A 742 14.43 -21.89 0.99
CA VAL A 742 15.51 -21.88 1.95
C VAL A 742 16.53 -20.77 1.65
N THR A 743 16.40 -20.07 0.51
CA THR A 743 17.37 -19.10 0.08
C THR A 743 17.54 -17.93 1.07
N LEU A 744 16.45 -17.43 1.69
CA LEU A 744 16.60 -16.35 2.68
C LEU A 744 17.46 -16.78 3.87
N ALA A 745 17.20 -17.99 4.42
CA ALA A 745 18.00 -18.51 5.53
C ALA A 745 19.44 -18.73 5.08
N VAL A 746 19.64 -19.32 3.88
CA VAL A 746 20.98 -19.63 3.36
C VAL A 746 21.81 -18.37 3.16
N PHE A 747 21.22 -17.37 2.49
CA PHE A 747 21.90 -16.11 2.29
C PHE A 747 22.14 -15.35 3.59
N ALA A 748 21.14 -15.35 4.52
CA ALA A 748 21.33 -14.63 5.79
C ALA A 748 22.50 -15.21 6.58
N VAL A 749 22.68 -16.53 6.54
CA VAL A 749 23.80 -17.16 7.24
C VAL A 749 25.09 -16.87 6.49
N GLY A 750 25.07 -17.04 5.18
CA GLY A 750 26.25 -16.84 4.36
C GLY A 750 26.83 -15.45 4.45
N ALA A 751 25.97 -14.43 4.60
CA ALA A 751 26.45 -13.05 4.68
C ALA A 751 27.07 -12.67 6.03
N GLN A 752 27.15 -13.60 6.99
CA GLN A 752 27.75 -13.32 8.30
C GLN A 752 29.29 -13.33 8.30
N SER A 753 29.92 -13.71 7.17
CA SER A 753 31.37 -13.61 7.06
C SER A 753 31.67 -12.56 5.97
N THR A 754 32.86 -11.96 6.03
CA THR A 754 33.25 -10.95 5.04
C THR A 754 33.28 -11.57 3.63
N GLU A 755 33.85 -12.77 3.50
CA GLU A 755 33.88 -13.44 2.18
C GLU A 755 32.48 -13.74 1.65
N GLY A 756 31.56 -14.17 2.52
CA GLY A 756 30.22 -14.51 2.09
C GLY A 756 29.44 -13.28 1.71
N TRP A 757 29.59 -12.21 2.50
CA TRP A 757 28.89 -10.94 2.21
C TRP A 757 29.36 -10.41 0.87
N ASP A 758 30.69 -10.42 0.64
CA ASP A 758 31.23 -9.92 -0.62
C ASP A 758 30.79 -10.77 -1.81
N PHE A 759 30.74 -12.09 -1.64
CA PHE A 759 30.32 -12.97 -2.73
C PHE A 759 28.86 -12.72 -3.08
N LEU A 760 28.00 -12.60 -2.06
CA LEU A 760 26.59 -12.33 -2.26
C LEU A 760 26.38 -11.02 -3.00
N TYR A 761 27.07 -9.96 -2.55
CA TYR A 761 26.96 -8.67 -3.21
C TYR A 761 27.46 -8.76 -4.68
N SER A 762 28.50 -9.57 -4.93
CA SER A 762 29.02 -9.73 -6.31
C SER A 762 28.00 -10.31 -7.27
N LYS A 763 27.03 -11.11 -6.77
CA LYS A 763 25.99 -11.68 -7.62
C LYS A 763 24.82 -10.72 -7.85
N TYR A 764 24.64 -9.75 -6.96
CA TYR A 764 23.54 -8.80 -7.04
C TYR A 764 23.48 -8.05 -8.36
N GLN A 765 24.64 -7.55 -8.89
CA GLN A 765 24.60 -6.77 -10.15
C GLN A 765 24.14 -7.55 -11.39
N PHE A 766 24.27 -8.86 -11.38
CA PHE A 766 23.89 -9.67 -12.54
C PHE A 766 22.46 -10.16 -12.48
N SER A 767 21.80 -10.09 -11.31
CA SER A 767 20.51 -10.67 -11.14
C SER A 767 19.41 -9.93 -11.86
N LEU A 768 18.57 -10.71 -12.51
CA LEU A 768 17.37 -10.16 -13.15
C LEU A 768 16.10 -10.54 -12.32
N SER A 769 16.27 -11.22 -11.18
CA SER A 769 15.17 -11.71 -10.36
C SER A 769 14.90 -10.74 -9.24
N SER A 770 13.67 -10.24 -9.17
CA SER A 770 13.28 -9.33 -8.09
C SER A 770 13.37 -10.05 -6.73
N THR A 771 12.92 -11.32 -6.66
CA THR A 771 13.03 -12.07 -5.40
C THR A 771 14.49 -12.22 -4.98
N GLU A 772 15.38 -12.63 -5.91
CA GLU A 772 16.78 -12.84 -5.55
C GLU A 772 17.43 -11.54 -5.07
N LYS A 773 17.12 -10.42 -5.74
CA LYS A 773 17.66 -9.12 -5.34
C LYS A 773 17.15 -8.76 -3.95
N SER A 774 15.86 -9.01 -3.67
CA SER A 774 15.31 -8.73 -2.34
CA SER A 774 15.30 -8.73 -2.35
C SER A 774 15.95 -9.62 -1.26
N GLN A 775 16.17 -10.92 -1.57
CA GLN A 775 16.76 -11.86 -0.62
C GLN A 775 18.21 -11.44 -0.33
N ILE A 776 18.95 -10.99 -1.37
CA ILE A 776 20.32 -10.52 -1.16
C ILE A 776 20.31 -9.27 -0.30
N GLU A 777 19.41 -8.30 -0.62
CA GLU A 777 19.35 -7.07 0.17
C GLU A 777 19.08 -7.39 1.67
N PHE A 778 18.13 -8.31 1.94
CA PHE A 778 17.81 -8.68 3.33
C PHE A 778 19.06 -9.24 4.03
N ALA A 779 19.75 -10.17 3.35
CA ALA A 779 20.91 -10.83 3.94
C ALA A 779 22.05 -9.84 4.20
N LEU A 780 22.30 -8.94 3.23
CA LEU A 780 23.38 -7.98 3.41
C LEU A 780 23.09 -7.04 4.58
N CYS A 781 21.81 -6.70 4.78
CA CYS A 781 21.39 -5.82 5.89
C CYS A 781 21.50 -6.47 7.26
N ARG A 782 21.72 -7.81 7.33
CA ARG A 782 21.91 -8.48 8.61
C ARG A 782 23.37 -8.47 9.08
N THR A 783 24.31 -7.94 8.27
CA THR A 783 25.70 -7.83 8.71
C THR A 783 25.82 -7.02 9.99
N GLN A 784 26.78 -7.42 10.84
CA GLN A 784 27.08 -6.65 12.04
C GLN A 784 28.35 -5.77 11.87
N ASN A 785 28.79 -5.61 10.61
CA ASN A 785 29.90 -4.74 10.27
C ASN A 785 29.28 -3.39 9.96
N LYS A 786 29.50 -2.40 10.83
CA LYS A 786 28.89 -1.08 10.66
C LYS A 786 29.38 -0.33 9.43
N GLU A 787 30.61 -0.62 8.94
CA GLU A 787 31.06 0.03 7.71
C GLU A 787 30.20 -0.48 6.53
N LYS A 788 29.88 -1.79 6.52
CA LYS A 788 29.03 -2.35 5.46
C LYS A 788 27.59 -1.84 5.58
N LEU A 789 27.08 -1.69 6.82
CA LEU A 789 25.73 -1.12 6.99
C LEU A 789 25.67 0.32 6.47
N GLN A 790 26.66 1.14 6.81
CA GLN A 790 26.69 2.52 6.34
C GLN A 790 26.84 2.55 4.81
N TRP A 791 27.59 1.61 4.22
CA TRP A 791 27.74 1.53 2.77
C TRP A 791 26.38 1.24 2.11
N LEU A 792 25.60 0.32 2.70
CA LEU A 792 24.28 -0.01 2.13
C LEU A 792 23.37 1.22 2.14
N LEU A 793 23.38 1.98 3.22
CA LEU A 793 22.56 3.20 3.30
C LEU A 793 23.05 4.23 2.27
N ASP A 794 24.36 4.48 2.24
CA ASP A 794 24.92 5.46 1.31
C ASP A 794 24.64 5.09 -0.15
N GLU A 795 24.83 3.81 -0.49
CA GLU A 795 24.67 3.37 -1.87
C GLU A 795 23.24 3.34 -2.33
N SER A 796 22.31 2.87 -1.49
CA SER A 796 20.91 2.85 -1.90
CA SER A 796 20.90 2.86 -1.90
C SER A 796 20.35 4.29 -1.93
N PHE A 797 20.86 5.19 -1.07
CA PHE A 797 20.43 6.60 -1.07
C PHE A 797 20.87 7.23 -2.42
N LYS A 798 22.10 6.93 -2.85
CA LYS A 798 22.67 7.45 -4.10
C LYS A 798 21.94 6.88 -5.31
N GLY A 799 21.61 5.59 -5.28
CA GLY A 799 20.83 4.97 -6.34
C GLY A 799 21.53 4.29 -7.50
N ASP A 800 22.85 4.26 -7.47
CA ASP A 800 23.63 3.67 -8.55
CA ASP A 800 23.63 3.66 -8.56
C ASP A 800 23.82 2.14 -8.40
N LYS A 801 24.48 1.67 -7.32
CA LYS A 801 24.70 0.23 -7.12
C LYS A 801 23.46 -0.50 -6.63
N ILE A 802 22.64 0.21 -5.84
CA ILE A 802 21.36 -0.32 -5.35
C ILE A 802 20.40 0.83 -5.62
N LYS A 803 19.26 0.57 -6.27
CA LYS A 803 18.33 1.64 -6.61
C LYS A 803 17.71 2.31 -5.38
N THR A 804 17.42 3.61 -5.48
CA THR A 804 16.80 4.35 -4.39
C THR A 804 15.41 3.83 -4.06
N GLN A 805 14.72 3.15 -5.05
CA GLN A 805 13.41 2.57 -4.72
C GLN A 805 13.50 1.53 -3.58
N GLU A 806 14.72 0.99 -3.33
CA GLU A 806 14.93 0.02 -2.24
C GLU A 806 15.34 0.70 -0.92
N PHE A 807 15.65 2.01 -0.96
CA PHE A 807 16.15 2.68 0.23
C PHE A 807 15.20 2.60 1.41
N PRO A 808 13.88 2.81 1.26
CA PRO A 808 13.01 2.77 2.46
C PRO A 808 13.08 1.41 3.15
N GLN A 809 13.11 0.30 2.36
CA GLN A 809 13.18 -1.03 2.96
C GLN A 809 14.55 -1.25 3.61
N ILE A 810 15.64 -0.87 2.92
CA ILE A 810 16.98 -1.04 3.48
C ILE A 810 17.14 -0.25 4.78
N LEU A 811 16.62 0.98 4.81
CA LEU A 811 16.70 1.79 6.03
C LEU A 811 15.95 1.09 7.18
N THR A 812 14.75 0.55 6.93
CA THR A 812 14.00 -0.15 7.97
C THR A 812 14.70 -1.42 8.39
N LEU A 813 15.27 -2.18 7.43
CA LEU A 813 15.97 -3.43 7.81
C LEU A 813 17.19 -3.13 8.70
N ILE A 814 17.93 -2.07 8.37
CA ILE A 814 19.08 -1.70 9.20
C ILE A 814 18.60 -1.11 10.54
N GLY A 815 17.43 -0.43 10.53
CA GLY A 815 16.79 0.06 11.76
C GLY A 815 16.37 -1.09 12.67
N ARG A 816 16.18 -2.29 12.12
N ARG A 816 16.16 -2.29 12.12
CA ARG A 816 15.83 -3.49 12.90
CA ARG A 816 15.80 -3.44 12.95
C ARG A 816 17.01 -4.45 13.09
C ARG A 816 17.03 -4.29 13.33
N ASN A 817 18.20 -4.06 12.69
CA ASN A 817 19.42 -4.85 12.92
C ASN A 817 19.86 -4.62 14.36
N PRO A 818 20.13 -5.70 15.10
CA PRO A 818 20.46 -5.54 16.53
C PRO A 818 21.68 -4.70 16.86
N VAL A 819 22.62 -4.54 15.91
CA VAL A 819 23.78 -3.70 16.17
C VAL A 819 23.74 -2.40 15.39
N GLY A 820 23.12 -2.41 14.22
CA GLY A 820 23.10 -1.24 13.36
C GLY A 820 21.95 -0.28 13.49
N TYR A 821 20.96 -0.59 14.37
CA TYR A 821 19.81 0.29 14.49
C TYR A 821 20.13 1.76 14.75
N PRO A 822 21.18 2.18 15.54
CA PRO A 822 21.42 3.61 15.69
C PRO A 822 21.80 4.28 14.38
N LEU A 823 22.46 3.55 13.45
CA LEU A 823 22.86 4.13 12.17
C LEU A 823 21.68 4.55 11.32
N ALA A 824 20.58 3.81 11.37
CA ALA A 824 19.44 4.14 10.51
C ALA A 824 18.74 5.43 10.97
N TRP A 825 18.47 5.58 12.27
CA TRP A 825 17.88 6.80 12.83
C TRP A 825 18.83 7.98 12.59
N GLN A 826 20.14 7.78 12.78
CA GLN A 826 21.11 8.85 12.49
C GLN A 826 21.05 9.26 11.01
N PHE A 827 21.00 8.28 10.09
CA PHE A 827 20.99 8.56 8.66
C PHE A 827 19.72 9.35 8.29
N LEU A 828 18.56 8.95 8.84
CA LEU A 828 17.31 9.63 8.53
C LEU A 828 17.37 11.11 8.94
N ARG A 829 17.92 11.39 10.13
CA ARG A 829 18.02 12.79 10.57
C ARG A 829 18.98 13.59 9.70
N LYS A 830 20.15 13.01 9.40
CA LYS A 830 21.16 13.75 8.64
C LYS A 830 20.72 14.04 7.23
N ASN A 831 20.04 13.08 6.60
CA ASN A 831 19.66 13.19 5.19
C ASN A 831 18.20 13.50 4.95
N TRP A 832 17.52 14.02 5.97
CA TRP A 832 16.10 14.30 5.92
C TRP A 832 15.68 15.13 4.71
N ASN A 833 16.36 16.28 4.47
CA ASN A 833 15.90 17.14 3.39
C ASN A 833 15.93 16.48 2.04
N LYS A 834 17.00 15.74 1.74
CA LYS A 834 17.10 15.04 0.47
C LYS A 834 16.09 13.90 0.37
N LEU A 835 15.79 13.23 1.48
CA LEU A 835 14.81 12.15 1.47
C LEU A 835 13.40 12.68 1.23
N VAL A 836 13.08 13.82 1.85
CA VAL A 836 11.79 14.46 1.63
C VAL A 836 11.69 14.92 0.17
N GLN A 837 12.77 15.49 -0.38
CA GLN A 837 12.72 15.92 -1.79
C GLN A 837 12.45 14.71 -2.73
N LYS A 838 13.06 13.55 -2.41
CA LYS A 838 12.93 12.41 -3.29
C LYS A 838 11.56 11.75 -3.14
N PHE A 839 11.08 11.59 -1.89
CA PHE A 839 9.89 10.80 -1.63
C PHE A 839 8.60 11.56 -1.34
N GLU A 840 8.74 12.81 -0.88
CA GLU A 840 7.70 13.77 -0.53
C GLU A 840 7.17 13.69 0.89
N LEU A 841 6.93 14.86 1.50
CA LEU A 841 6.30 14.89 2.83
C LEU A 841 4.90 14.32 2.73
N GLY A 842 4.53 13.48 3.68
CA GLY A 842 3.21 12.89 3.69
C GLY A 842 3.13 11.55 2.98
N SER A 843 4.18 11.20 2.19
CA SER A 843 4.17 9.93 1.49
C SER A 843 4.23 8.76 2.42
N SER A 844 3.70 7.62 1.98
CA SER A 844 3.79 6.39 2.77
CA SER A 844 3.80 6.39 2.79
C SER A 844 5.28 5.99 2.93
N SER A 845 6.12 6.30 1.91
CA SER A 845 7.55 5.99 2.02
C SER A 845 8.17 6.72 3.24
N ILE A 846 7.91 8.05 3.37
CA ILE A 846 8.47 8.79 4.51
C ILE A 846 7.88 8.26 5.83
N ALA A 847 6.58 7.91 5.82
CA ALA A 847 5.97 7.36 7.04
C ALA A 847 6.65 6.06 7.47
N HIS A 848 6.95 5.20 6.50
CA HIS A 848 7.61 3.93 6.79
C HIS A 848 9.04 4.14 7.27
N MET A 849 9.73 5.17 6.76
CA MET A 849 11.09 5.44 7.21
C MET A 849 11.06 5.97 8.64
N VAL A 850 10.13 6.89 8.94
CA VAL A 850 10.02 7.42 10.31
C VAL A 850 9.70 6.30 11.29
N MET A 851 8.67 5.50 11.00
CA MET A 851 8.33 4.41 11.93
CA MET A 851 8.29 4.38 11.87
C MET A 851 9.38 3.33 11.98
N GLY A 852 9.97 2.97 10.85
CA GLY A 852 10.97 1.92 10.79
C GLY A 852 12.23 2.17 11.58
N THR A 853 12.59 3.44 11.71
CA THR A 853 13.80 3.79 12.44
C THR A 853 13.56 4.10 13.90
N THR A 854 12.30 4.33 14.32
CA THR A 854 12.06 4.81 15.69
C THR A 854 11.06 4.05 16.52
N ASN A 855 10.16 3.28 15.89
CA ASN A 855 9.04 2.73 16.66
C ASN A 855 9.36 1.51 17.52
N GLN A 856 10.64 1.12 17.61
CA GLN A 856 11.05 0.09 18.55
C GLN A 856 11.88 0.68 19.71
N PHE A 857 11.93 2.02 19.83
CA PHE A 857 12.57 2.64 20.97
C PHE A 857 11.64 2.56 22.17
N SER A 858 12.24 2.52 23.39
CA SER A 858 11.42 2.37 24.57
C SER A 858 12.00 3.09 25.78
N THR A 859 12.79 4.16 25.55
CA THR A 859 13.32 4.95 26.68
C THR A 859 12.87 6.40 26.51
N ARG A 860 12.82 7.12 27.63
CA ARG A 860 12.49 8.53 27.64
C ARG A 860 13.54 9.32 26.86
N THR A 861 14.82 8.89 26.87
CA THR A 861 15.86 9.58 26.12
C THR A 861 15.60 9.46 24.60
N ARG A 862 15.25 8.25 24.12
CA ARG A 862 14.95 8.09 22.69
C ARG A 862 13.69 8.87 22.33
N LEU A 863 12.69 8.89 23.20
CA LEU A 863 11.45 9.63 22.93
C LEU A 863 11.76 11.13 22.73
N GLU A 864 12.65 11.70 23.59
CA GLU A 864 12.99 13.10 23.44
C GLU A 864 13.78 13.34 22.15
N GLU A 865 14.65 12.37 21.74
CA GLU A 865 15.35 12.53 20.45
C GLU A 865 14.35 12.70 19.31
N VAL A 866 13.29 11.87 19.33
CA VAL A 866 12.30 11.92 18.27
C VAL A 866 11.49 13.21 18.33
N LYS A 867 11.02 13.59 19.51
CA LYS A 867 10.24 14.82 19.64
C LYS A 867 11.08 16.04 19.25
N GLY A 868 12.33 16.07 19.73
CA GLY A 868 13.21 17.20 19.47
C GLY A 868 13.61 17.31 18.02
N PHE A 869 13.93 16.17 17.37
CA PHE A 869 14.27 16.24 15.94
C PHE A 869 13.07 16.73 15.11
N PHE A 870 11.91 16.06 15.23
CA PHE A 870 10.79 16.40 14.34
C PHE A 870 10.22 17.77 14.65
N SER A 871 10.25 18.19 15.92
CA SER A 871 9.75 19.55 16.22
C SER A 871 10.66 20.61 15.57
N SER A 872 11.96 20.34 15.46
CA SER A 872 12.91 21.27 14.87
C SER A 872 12.68 21.51 13.37
N LEU A 873 11.94 20.63 12.69
CA LEU A 873 11.72 20.75 11.25
C LEU A 873 10.71 21.81 10.86
N LYS A 874 9.88 22.27 11.81
CA LYS A 874 8.85 23.27 11.58
C LYS A 874 7.94 22.86 10.37
N GLU A 875 7.87 23.64 9.28
CA GLU A 875 7.01 23.29 8.16
C GLU A 875 7.50 22.09 7.34
N ASN A 876 8.77 21.67 7.53
CA ASN A 876 9.29 20.55 6.75
C ASN A 876 9.19 19.21 7.49
N GLY A 877 8.10 19.00 8.23
CA GLY A 877 7.89 17.69 8.86
C GLY A 877 7.36 17.61 10.27
N SER A 878 7.40 18.73 11.02
CA SER A 878 6.92 18.66 12.41
C SER A 878 5.46 18.21 12.55
N GLN A 879 4.63 18.46 11.54
CA GLN A 879 3.20 18.12 11.63
C GLN A 879 2.82 16.82 10.94
N LEU A 880 3.81 15.98 10.57
CA LEU A 880 3.49 14.70 9.94
C LEU A 880 2.71 13.80 10.88
N ARG A 881 1.67 13.13 10.34
CA ARG A 881 0.91 12.21 11.18
CA ARG A 881 0.91 12.20 11.17
C ARG A 881 1.80 11.04 11.62
N CYS A 882 2.73 10.58 10.75
CA CYS A 882 3.59 9.45 11.13
C CYS A 882 4.46 9.79 12.36
N VAL A 883 4.83 11.07 12.51
CA VAL A 883 5.63 11.50 13.65
C VAL A 883 4.83 11.36 14.94
N GLN A 884 3.56 11.82 14.92
CA GLN A 884 2.71 11.68 16.11
C GLN A 884 2.45 10.21 16.40
N GLN A 885 2.32 9.41 15.35
CA GLN A 885 2.11 7.97 15.53
CA GLN A 885 2.11 7.97 15.51
C GLN A 885 3.33 7.30 16.18
N THR A 886 4.55 7.63 15.70
CA THR A 886 5.73 7.00 16.30
C THR A 886 5.96 7.50 17.73
N ILE A 887 5.62 8.78 18.02
CA ILE A 887 5.76 9.30 19.38
C ILE A 887 4.84 8.52 20.32
N GLU A 888 3.59 8.31 19.89
CA GLU A 888 2.63 7.58 20.72
C GLU A 888 2.99 6.10 20.86
N THR A 889 3.62 5.53 19.82
CA THR A 889 4.07 4.15 19.88
C THR A 889 5.22 4.04 20.89
N ILE A 890 6.18 5.00 20.87
CA ILE A 890 7.29 4.94 21.81
C ILE A 890 6.79 5.17 23.23
N GLU A 891 5.80 6.06 23.42
CA GLU A 891 5.20 6.27 24.74
C GLU A 891 4.59 4.95 25.26
N GLU A 892 3.92 4.20 24.36
CA GLU A 892 3.37 2.91 24.76
C GLU A 892 4.46 1.92 25.06
N ASN A 893 5.54 1.91 24.25
CA ASN A 893 6.65 0.99 24.50
C ASN A 893 7.29 1.23 25.85
N ILE A 894 7.44 2.51 26.22
CA ILE A 894 8.00 2.87 27.52
C ILE A 894 7.13 2.33 28.65
N GLY A 895 5.83 2.60 28.59
CA GLY A 895 4.92 2.13 29.64
C GLY A 895 4.84 0.62 29.69
N TRP A 896 4.76 -0.02 28.52
CA TRP A 896 4.64 -1.47 28.46
C TRP A 896 5.88 -2.16 29.03
N MET A 897 7.07 -1.70 28.66
CA MET A 897 8.31 -2.29 29.17
CA MET A 897 8.30 -2.33 29.16
C MET A 897 8.44 -2.05 30.66
N ASP A 898 8.12 -0.83 31.12
CA ASP A 898 8.21 -0.53 32.56
C ASP A 898 7.29 -1.45 33.37
N LYS A 899 6.10 -1.72 32.84
CA LYS A 899 5.17 -2.59 33.54
C LYS A 899 5.52 -4.08 33.42
N ASN A 900 5.91 -4.54 32.24
CA ASN A 900 6.02 -5.96 31.97
C ASN A 900 7.40 -6.58 31.91
N PHE A 901 8.49 -5.78 31.83
CA PHE A 901 9.82 -6.38 31.74
C PHE A 901 10.13 -7.36 32.88
N ASP A 902 9.97 -6.92 34.14
CA ASP A 902 10.27 -7.84 35.23
C ASP A 902 9.31 -9.01 35.26
N LYS A 903 8.03 -8.80 34.85
CA LYS A 903 7.08 -9.90 34.82
C LYS A 903 7.54 -10.97 33.81
N ILE A 904 8.04 -10.55 32.65
CA ILE A 904 8.53 -11.47 31.62
C ILE A 904 9.80 -12.19 32.10
N ARG A 905 10.70 -11.45 32.78
CA ARG A 905 11.93 -12.03 33.32
C ARG A 905 11.59 -13.19 34.30
N VAL A 906 10.64 -12.94 35.20
CA VAL A 906 10.22 -13.94 36.18
C VAL A 906 9.52 -15.11 35.47
N TRP A 907 8.60 -14.81 34.52
CA TRP A 907 7.89 -15.85 33.79
C TRP A 907 8.85 -16.77 33.04
N LEU A 908 9.90 -16.22 32.42
CA LEU A 908 10.88 -17.01 31.68
C LEU A 908 11.65 -17.93 32.58
N GLN A 909 11.97 -17.48 33.79
CA GLN A 909 12.68 -18.31 34.77
C GLN A 909 11.82 -19.49 35.19
N SER A 910 10.50 -19.27 35.37
CA SER A 910 9.56 -20.32 35.74
C SER A 910 9.33 -21.29 34.57
N GLU A 911 9.30 -20.75 33.34
CA GLU A 911 9.11 -21.53 32.13
C GLU A 911 10.41 -22.28 31.81
ZN ZN B . -5.17 1.30 -4.67
P PO4 C . -2.43 1.47 -5.51
O1 PO4 C . -3.26 1.89 -4.32
O2 PO4 C . -3.46 0.88 -6.57
O3 PO4 C . -1.75 2.76 -6.19
O4 PO4 C . -1.28 0.39 -5.25
P PO4 D . -21.05 -13.32 -4.33
O1 PO4 D . -22.31 -12.47 -4.02
O2 PO4 D . -21.06 -14.67 -3.48
O3 PO4 D . -21.06 -13.64 -5.90
O4 PO4 D . -19.73 -12.50 -3.96
C1 EDO E . 3.33 17.09 -6.12
O1 EDO E . 3.78 17.25 -4.78
C2 EDO E . 2.59 18.41 -6.50
O2 EDO E . 1.54 18.71 -5.55
C1 EDO F . 5.41 -4.83 23.06
O1 EDO F . 5.59 -5.04 21.67
C2 EDO F . 4.65 -3.51 23.25
O2 EDO F . 3.37 -3.67 22.70
C1 EDO G . 12.82 -1.54 33.62
O1 EDO G . 14.10 -1.11 33.18
C2 EDO G . 11.91 -1.74 32.41
O2 EDO G . 11.91 -0.59 31.57
C1 EDO H . 9.56 -18.41 -0.16
O1 EDO H . 8.98 -19.03 -1.30
C2 EDO H . 8.38 -18.01 0.71
O2 EDO H . 7.81 -16.87 0.14
C1 EDO I . -0.20 -25.74 7.00
O1 EDO I . -1.42 -25.94 6.31
C2 EDO I . 0.39 -24.38 6.57
O2 EDO I . -0.51 -23.35 6.94
C1 EDO J . -5.63 12.89 7.73
C1 EDO J . -5.68 13.04 7.54
O1 EDO J . -5.77 14.07 8.50
C2 EDO J . -4.27 12.94 7.03
C2 EDO J . -4.30 12.98 6.82
O2 EDO J . -3.25 12.99 8.02
O2 EDO J . -3.74 14.27 6.56
C1 EDO K . 0.03 6.00 -5.41
O1 EDO K . 1.07 5.94 -4.45
C2 EDO K . 0.15 4.77 -6.36
O2 EDO K . 1.46 4.59 -6.90
N1 A1IML L . 10.09 -7.75 12.63
C4 A1IML L . 13.31 -13.42 10.87
C5 A1IML L . 14.10 -12.26 10.24
C6 A1IML L . 14.75 -11.39 11.31
C7 A1IML L . 12.08 -9.11 12.55
C8 A1IML L . 11.24 -8.09 11.81
C10 A1IML L . 8.67 -9.71 12.03
C13 A1IML L . 6.81 -8.70 13.84
C15 A1IML L . 10.12 -6.66 13.46
C17 A1IML L . 5.96 -12.21 11.42
C20 A1IML L . 8.07 -13.65 10.40
C21 A1IML L . 8.30 -12.46 11.07
O3 A1IML L . 11.04 -5.88 13.57
O2 A1IML L . 12.10 -9.16 13.78
N A1IML L . 12.81 -9.94 11.78
C1 A1IML L . 13.75 -10.89 12.37
C3 A1IML L . 12.29 -12.90 11.86
C2 A1IML L . 12.98 -12.08 12.95
C A1IML L . 14.57 -10.23 13.48
O1 A1IML L . 14.78 -10.78 14.56
O A1IML L . 15.03 -9.05 13.15
S A1IML L . 8.61 -6.57 14.38
C14 A1IML L . 8.01 -8.02 13.61
C9 A1IML L . 8.94 -8.53 12.71
C12 A1IML L . 6.56 -9.88 13.16
C11 A1IML L . 7.48 -10.41 12.26
C16 A1IML L . 7.24 -11.71 11.58
C19 A1IML L . 6.79 -14.11 10.22
C18 A1IML L . 5.73 -13.39 10.73
#